data_2COS
#
_entry.id   2COS
#
_entity_poly.entity_id   1
_entity_poly.type   'polypeptide(L)'
_entity_poly.pdbx_seq_one_letter_code
;GSSGSSGVNRQMLQELVNAGCDQEMAGRALKQTGSRSIEAALEYISKMSGPSSG
;
_entity_poly.pdbx_strand_id   A
#
# COMPACT_ATOMS: atom_id res chain seq x y z
N GLY A 1 -16.58 4.82 0.59
CA GLY A 1 -17.63 5.49 1.35
C GLY A 1 -18.74 6.01 0.48
N SER A 2 -19.34 7.12 0.89
CA SER A 2 -20.43 7.73 0.13
C SER A 2 -20.17 9.20 -0.13
N SER A 3 -20.94 9.79 -1.03
CA SER A 3 -20.79 11.20 -1.38
C SER A 3 -19.36 11.49 -1.83
N GLY A 4 -18.82 10.59 -2.65
CA GLY A 4 -17.46 10.77 -3.15
C GLY A 4 -16.42 10.20 -2.21
N SER A 5 -16.12 8.91 -2.38
CA SER A 5 -15.13 8.24 -1.54
C SER A 5 -13.72 8.70 -1.88
N SER A 6 -13.12 9.46 -0.98
CA SER A 6 -11.78 9.97 -1.17
C SER A 6 -10.80 9.36 -0.17
N GLY A 7 -10.12 8.29 -0.59
CA GLY A 7 -9.17 7.62 0.29
C GLY A 7 -9.01 6.16 -0.04
N VAL A 8 -7.84 5.62 0.26
CA VAL A 8 -7.54 4.21 -0.01
C VAL A 8 -8.62 3.31 0.59
N ASN A 9 -8.43 2.00 0.46
CA ASN A 9 -9.38 1.03 0.99
C ASN A 9 -8.93 0.52 2.35
N ARG A 10 -9.46 1.14 3.41
CA ARG A 10 -9.11 0.75 4.77
C ARG A 10 -9.12 -0.76 4.93
N GLN A 11 -9.88 -1.44 4.06
CA GLN A 11 -9.98 -2.89 4.10
C GLN A 11 -8.73 -3.54 3.51
N MET A 12 -8.37 -3.16 2.30
CA MET A 12 -7.20 -3.69 1.63
C MET A 12 -5.98 -3.65 2.55
N LEU A 13 -5.89 -2.59 3.34
CA LEU A 13 -4.77 -2.42 4.26
C LEU A 13 -4.63 -3.63 5.18
N GLN A 14 -5.61 -3.81 6.06
CA GLN A 14 -5.60 -4.93 6.98
C GLN A 14 -5.12 -6.20 6.30
N GLU A 15 -5.29 -6.27 4.99
CA GLU A 15 -4.88 -7.43 4.21
C GLU A 15 -3.37 -7.40 3.96
N LEU A 16 -2.90 -6.33 3.31
CA LEU A 16 -1.49 -6.17 3.01
C LEU A 16 -0.65 -6.21 4.27
N VAL A 17 -1.14 -5.55 5.32
CA VAL A 17 -0.44 -5.51 6.60
C VAL A 17 -0.31 -6.91 7.21
N ASN A 18 -1.39 -7.68 7.12
CA ASN A 18 -1.39 -9.03 7.65
C ASN A 18 -0.10 -9.77 7.33
N ALA A 19 0.38 -9.59 6.10
CA ALA A 19 1.62 -10.22 5.65
C ALA A 19 2.79 -9.82 6.55
N GLY A 20 2.88 -8.53 6.85
CA GLY A 20 3.96 -8.04 7.69
C GLY A 20 4.49 -6.69 7.24
N CYS A 21 3.56 -5.80 6.88
CA CYS A 21 3.94 -4.46 6.43
C CYS A 21 3.57 -3.41 7.46
N ASP A 22 4.34 -2.33 7.52
CA ASP A 22 4.09 -1.25 8.45
C ASP A 22 2.72 -0.63 8.21
N GLN A 23 2.06 -0.23 9.29
CA GLN A 23 0.73 0.38 9.20
C GLN A 23 0.83 1.81 8.67
N GLU A 24 1.82 2.55 9.17
CA GLU A 24 2.02 3.93 8.74
C GLU A 24 2.60 4.00 7.33
N MET A 25 3.27 2.92 6.93
CA MET A 25 3.87 2.86 5.60
C MET A 25 2.86 2.34 4.58
N ALA A 26 2.36 1.14 4.79
CA ALA A 26 1.38 0.53 3.89
C ALA A 26 0.46 1.59 3.31
N GLY A 27 -0.13 2.40 4.18
CA GLY A 27 -1.04 3.43 3.73
C GLY A 27 -0.45 4.28 2.62
N ARG A 28 0.65 4.97 2.92
CA ARG A 28 1.31 5.82 1.93
C ARG A 28 1.25 5.18 0.54
N ALA A 29 1.92 4.05 0.40
CA ALA A 29 1.95 3.34 -0.88
C ALA A 29 0.54 3.11 -1.42
N LEU A 30 -0.31 2.49 -0.60
CA LEU A 30 -1.68 2.21 -0.99
C LEU A 30 -2.29 3.40 -1.71
N LYS A 31 -2.10 4.59 -1.15
CA LYS A 31 -2.63 5.82 -1.74
C LYS A 31 -1.91 6.16 -3.03
N GLN A 32 -0.58 6.22 -2.96
CA GLN A 32 0.23 6.52 -4.13
C GLN A 32 -0.22 5.72 -5.35
N THR A 33 -0.29 4.40 -5.18
CA THR A 33 -0.70 3.52 -6.26
C THR A 33 -2.18 3.71 -6.59
N GLY A 34 -3.01 3.79 -5.55
CA GLY A 34 -4.43 3.97 -5.75
C GLY A 34 -5.22 2.71 -5.50
N SER A 35 -5.03 2.12 -4.32
CA SER A 35 -5.73 0.89 -3.95
C SER A 35 -5.83 -0.04 -5.16
N ARG A 36 -4.72 -0.24 -5.85
CA ARG A 36 -4.69 -1.11 -7.03
C ARG A 36 -4.71 -2.57 -6.61
N SER A 37 -3.75 -2.96 -5.78
CA SER A 37 -3.66 -4.35 -5.31
C SER A 37 -2.65 -4.47 -4.17
N ILE A 38 -2.87 -5.44 -3.30
CA ILE A 38 -1.99 -5.66 -2.16
C ILE A 38 -0.53 -5.74 -2.61
N GLU A 39 -0.30 -6.44 -3.72
CA GLU A 39 1.05 -6.59 -4.25
C GLU A 39 1.61 -5.25 -4.72
N ALA A 40 0.78 -4.50 -5.44
CA ALA A 40 1.17 -3.19 -5.95
C ALA A 40 1.92 -2.39 -4.89
N ALA A 41 1.32 -2.28 -3.70
CA ALA A 41 1.92 -1.54 -2.60
C ALA A 41 3.28 -2.12 -2.24
N LEU A 42 3.30 -3.38 -1.81
CA LEU A 42 4.53 -4.05 -1.43
C LEU A 42 5.61 -3.85 -2.49
N GLU A 43 5.20 -3.85 -3.75
CA GLU A 43 6.13 -3.66 -4.86
C GLU A 43 6.63 -2.22 -4.92
N TYR A 44 5.71 -1.28 -4.73
CA TYR A 44 6.06 0.15 -4.77
C TYR A 44 7.12 0.47 -3.71
N ILE A 45 6.92 -0.06 -2.50
CA ILE A 45 7.86 0.17 -1.41
C ILE A 45 9.25 -0.37 -1.74
N SER A 46 9.29 -1.54 -2.36
CA SER A 46 10.55 -2.17 -2.74
C SER A 46 11.20 -1.41 -3.88
N LYS A 47 10.40 -1.00 -4.85
CA LYS A 47 10.90 -0.26 -6.01
C LYS A 47 12.03 0.68 -5.61
N MET A 48 11.80 1.45 -4.55
CA MET A 48 12.80 2.39 -4.05
C MET A 48 14.09 1.67 -3.67
N SER A 49 13.99 0.77 -2.70
CA SER A 49 15.15 0.01 -2.24
C SER A 49 14.71 -1.29 -1.57
N GLY A 50 15.64 -2.24 -1.46
CA GLY A 50 15.35 -3.51 -0.84
C GLY A 50 15.99 -4.67 -1.56
N PRO A 51 17.27 -4.94 -1.25
CA PRO A 51 18.02 -6.03 -1.87
C PRO A 51 17.52 -7.41 -1.42
N SER A 52 16.48 -7.41 -0.59
CA SER A 52 15.92 -8.66 -0.09
C SER A 52 14.40 -8.67 -0.25
N SER A 53 13.91 -9.55 -1.11
CA SER A 53 12.47 -9.66 -1.35
C SER A 53 12.09 -11.08 -1.76
N GLY A 54 10.95 -11.55 -1.26
CA GLY A 54 10.50 -12.89 -1.58
C GLY A 54 9.96 -13.62 -0.37
N GLY A 1 -8.05 8.65 -9.15
CA GLY A 1 -9.36 9.25 -9.00
C GLY A 1 -10.47 8.23 -8.92
N SER A 2 -10.80 7.83 -7.69
CA SER A 2 -11.84 6.84 -7.46
C SER A 2 -12.92 7.39 -6.53
N SER A 3 -14.00 6.62 -6.37
CA SER A 3 -15.10 7.03 -5.51
C SER A 3 -15.42 5.96 -4.48
N GLY A 4 -15.27 6.30 -3.20
CA GLY A 4 -15.55 5.34 -2.14
C GLY A 4 -14.95 5.78 -0.81
N SER A 5 -13.68 5.49 -0.62
CA SER A 5 -12.99 5.85 0.63
C SER A 5 -12.32 7.22 0.50
N SER A 6 -12.64 8.10 1.45
CA SER A 6 -12.07 9.44 1.45
C SER A 6 -10.56 9.39 1.32
N GLY A 7 -9.93 8.45 2.01
CA GLY A 7 -8.49 8.32 1.95
C GLY A 7 -8.05 6.99 1.38
N VAL A 8 -7.21 6.27 2.11
CA VAL A 8 -6.71 4.97 1.67
C VAL A 8 -7.61 3.84 2.16
N ASN A 9 -7.82 2.84 1.31
CA ASN A 9 -8.65 1.70 1.66
C ASN A 9 -8.23 1.10 3.00
N ARG A 10 -9.18 1.00 3.92
CA ARG A 10 -8.92 0.45 5.24
C ARG A 10 -9.01 -1.08 5.23
N GLN A 11 -9.89 -1.60 4.38
CA GLN A 11 -10.08 -3.04 4.28
C GLN A 11 -8.83 -3.71 3.74
N MET A 12 -8.46 -3.39 2.51
CA MET A 12 -7.27 -3.96 1.88
C MET A 12 -6.06 -3.82 2.80
N LEU A 13 -5.93 -2.65 3.43
CA LEU A 13 -4.81 -2.39 4.33
C LEU A 13 -4.64 -3.53 5.33
N GLN A 14 -5.71 -3.86 6.04
CA GLN A 14 -5.68 -4.93 7.02
C GLN A 14 -5.23 -6.25 6.39
N GLU A 15 -5.29 -6.31 5.06
CA GLU A 15 -4.88 -7.50 4.34
C GLU A 15 -3.38 -7.49 4.05
N LEU A 16 -2.90 -6.39 3.50
CA LEU A 16 -1.48 -6.24 3.18
C LEU A 16 -0.64 -6.18 4.46
N VAL A 17 -1.20 -5.58 5.50
CA VAL A 17 -0.51 -5.45 6.78
C VAL A 17 -0.34 -6.80 7.45
N ASN A 18 -1.40 -7.61 7.43
CA ASN A 18 -1.38 -8.94 8.03
C ASN A 18 -0.10 -9.67 7.66
N ALA A 19 0.35 -9.49 6.42
CA ALA A 19 1.56 -10.14 5.93
C ALA A 19 2.78 -9.70 6.75
N GLY A 20 2.96 -8.39 6.89
CA GLY A 20 4.09 -7.87 7.65
C GLY A 20 4.58 -6.54 7.11
N CYS A 21 3.66 -5.59 6.97
CA CYS A 21 4.00 -4.27 6.46
C CYS A 21 3.49 -3.18 7.40
N ASP A 22 4.39 -2.30 7.81
CA ASP A 22 4.04 -1.21 8.71
C ASP A 22 2.67 -0.63 8.35
N GLN A 23 1.90 -0.27 9.37
CA GLN A 23 0.57 0.29 9.16
C GLN A 23 0.66 1.69 8.57
N GLU A 24 1.54 2.52 9.12
CA GLU A 24 1.72 3.88 8.64
C GLU A 24 2.26 3.89 7.22
N MET A 25 3.25 3.03 6.95
CA MET A 25 3.85 2.95 5.63
C MET A 25 2.88 2.30 4.64
N ALA A 26 2.35 1.15 5.00
CA ALA A 26 1.41 0.44 4.15
C ALA A 26 0.38 1.39 3.54
N GLY A 27 -0.20 2.24 4.39
CA GLY A 27 -1.19 3.19 3.92
C GLY A 27 -0.62 4.17 2.92
N ARG A 28 0.68 4.41 3.00
CA ARG A 28 1.35 5.34 2.09
C ARG A 28 1.41 4.76 0.68
N ALA A 29 2.06 3.60 0.55
CA ALA A 29 2.20 2.95 -0.75
C ALA A 29 0.84 2.71 -1.39
N LEU A 30 -0.11 2.21 -0.59
CA LEU A 30 -1.45 1.94 -1.08
C LEU A 30 -1.98 3.10 -1.91
N LYS A 31 -2.01 4.28 -1.32
CA LYS A 31 -2.48 5.48 -2.01
C LYS A 31 -1.68 5.73 -3.28
N GLN A 32 -0.36 5.84 -3.12
CA GLN A 32 0.52 6.08 -4.26
C GLN A 32 0.10 5.25 -5.46
N THR A 33 0.05 3.93 -5.29
CA THR A 33 -0.34 3.04 -6.37
C THR A 33 -1.77 3.31 -6.82
N GLY A 34 -2.63 3.68 -5.87
CA GLY A 34 -4.01 3.97 -6.19
C GLY A 34 -4.94 2.86 -5.75
N SER A 35 -4.65 2.25 -4.61
CA SER A 35 -5.47 1.16 -4.08
C SER A 35 -5.99 0.29 -5.21
N ARG A 36 -5.09 -0.11 -6.12
CA ARG A 36 -5.46 -0.95 -7.25
C ARG A 36 -5.24 -2.43 -6.92
N SER A 37 -4.34 -2.70 -5.98
CA SER A 37 -4.04 -4.07 -5.58
C SER A 37 -3.14 -4.08 -4.35
N ILE A 38 -3.03 -5.25 -3.72
CA ILE A 38 -2.21 -5.41 -2.53
C ILE A 38 -0.73 -5.44 -2.90
N GLU A 39 -0.40 -6.18 -3.95
CA GLU A 39 0.98 -6.30 -4.40
C GLU A 39 1.53 -4.94 -4.82
N ALA A 40 0.74 -4.22 -5.60
CA ALA A 40 1.15 -2.90 -6.08
C ALA A 40 1.80 -2.08 -4.97
N ALA A 41 1.11 -1.98 -3.84
CA ALA A 41 1.61 -1.23 -2.69
C ALA A 41 3.02 -1.70 -2.31
N LEU A 42 3.16 -3.00 -2.10
CA LEU A 42 4.46 -3.58 -1.73
C LEU A 42 5.51 -3.26 -2.77
N GLU A 43 5.23 -3.63 -4.02
CA GLU A 43 6.15 -3.38 -5.12
C GLU A 43 6.78 -1.99 -5.00
N TYR A 44 5.94 -0.96 -5.04
CA TYR A 44 6.41 0.41 -4.94
C TYR A 44 7.42 0.57 -3.80
N ILE A 45 7.05 0.09 -2.62
CA ILE A 45 7.92 0.18 -1.46
C ILE A 45 9.31 -0.38 -1.78
N SER A 46 9.34 -1.58 -2.37
CA SER A 46 10.60 -2.21 -2.72
C SER A 46 11.46 -1.28 -3.56
N LYS A 47 10.90 -0.78 -4.66
CA LYS A 47 11.62 0.11 -5.55
C LYS A 47 12.25 1.26 -4.78
N MET A 48 11.44 1.94 -3.96
CA MET A 48 11.93 3.05 -3.16
C MET A 48 13.33 2.78 -2.63
N SER A 49 13.46 1.68 -1.89
CA SER A 49 14.76 1.32 -1.32
C SER A 49 15.68 0.74 -2.40
N GLY A 50 16.68 1.51 -2.79
CA GLY A 50 17.61 1.06 -3.81
C GLY A 50 18.62 2.13 -4.17
N PRO A 51 19.44 1.84 -5.21
CA PRO A 51 20.48 2.77 -5.68
C PRO A 51 19.87 4.00 -6.35
N SER A 52 18.60 3.92 -6.70
CA SER A 52 17.91 5.03 -7.35
C SER A 52 17.83 6.24 -6.43
N SER A 53 18.90 7.02 -6.38
CA SER A 53 18.95 8.22 -5.53
C SER A 53 18.63 9.46 -6.34
N GLY A 54 17.71 10.29 -5.83
CA GLY A 54 17.34 11.50 -6.51
C GLY A 54 17.52 12.73 -5.64
N GLY A 1 -15.60 12.59 -13.07
CA GLY A 1 -16.00 11.19 -13.03
C GLY A 1 -16.16 10.67 -11.61
N SER A 2 -15.10 10.05 -11.09
CA SER A 2 -15.13 9.50 -9.73
C SER A 2 -13.93 9.99 -8.93
N SER A 3 -14.06 11.18 -8.35
CA SER A 3 -12.98 11.77 -7.55
C SER A 3 -13.50 12.19 -6.18
N GLY A 4 -12.59 12.32 -5.22
CA GLY A 4 -12.96 12.72 -3.89
C GLY A 4 -13.38 11.55 -3.03
N SER A 5 -12.44 10.66 -2.74
CA SER A 5 -12.72 9.47 -1.93
C SER A 5 -12.19 9.66 -0.50
N SER A 6 -12.83 8.97 0.45
CA SER A 6 -12.43 9.07 1.85
C SER A 6 -10.91 9.19 1.98
N GLY A 7 -10.20 8.20 1.42
CA GLY A 7 -8.75 8.21 1.49
C GLY A 7 -8.14 6.90 1.05
N VAL A 8 -7.38 6.27 1.94
CA VAL A 8 -6.74 5.00 1.64
C VAL A 8 -7.63 3.83 2.02
N ASN A 9 -7.70 2.83 1.14
CA ASN A 9 -8.52 1.65 1.39
C ASN A 9 -8.12 0.96 2.69
N ARG A 10 -9.06 0.90 3.64
CA ARG A 10 -8.80 0.28 4.93
C ARG A 10 -8.74 -1.24 4.79
N GLN A 11 -9.57 -1.79 3.91
CA GLN A 11 -9.61 -3.23 3.68
C GLN A 11 -8.28 -3.72 3.11
N MET A 12 -7.87 -3.13 1.99
CA MET A 12 -6.61 -3.51 1.34
C MET A 12 -5.44 -3.33 2.29
N LEU A 13 -5.65 -2.59 3.36
CA LEU A 13 -4.60 -2.35 4.35
C LEU A 13 -4.47 -3.53 5.30
N GLN A 14 -5.55 -3.86 6.00
CA GLN A 14 -5.54 -4.97 6.94
C GLN A 14 -5.00 -6.23 6.28
N GLU A 15 -5.03 -6.26 4.96
CA GLU A 15 -4.53 -7.42 4.21
C GLU A 15 -3.03 -7.30 3.97
N LEU A 16 -2.61 -6.19 3.37
CA LEU A 16 -1.21 -5.96 3.08
C LEU A 16 -0.37 -5.96 4.35
N VAL A 17 -0.98 -5.51 5.45
CA VAL A 17 -0.30 -5.47 6.74
C VAL A 17 -0.08 -6.87 7.29
N ASN A 18 -1.13 -7.69 7.21
CA ASN A 18 -1.06 -9.06 7.71
C ASN A 18 0.25 -9.72 7.31
N ALA A 19 0.65 -9.52 6.05
CA ALA A 19 1.89 -10.09 5.54
C ALA A 19 3.07 -9.74 6.44
N GLY A 20 3.18 -8.46 6.79
CA GLY A 20 4.27 -8.01 7.64
C GLY A 20 4.73 -6.61 7.30
N CYS A 21 3.78 -5.71 7.11
CA CYS A 21 4.10 -4.32 6.77
C CYS A 21 3.67 -3.38 7.89
N ASP A 22 4.16 -2.14 7.83
CA ASP A 22 3.83 -1.15 8.85
C ASP A 22 2.54 -0.41 8.47
N GLN A 23 1.61 -0.34 9.42
CA GLN A 23 0.34 0.34 9.19
C GLN A 23 0.55 1.75 8.66
N GLU A 24 1.41 2.51 9.35
CA GLU A 24 1.70 3.88 8.93
C GLU A 24 2.20 3.92 7.50
N MET A 25 3.36 3.32 7.26
CA MET A 25 3.96 3.29 5.93
C MET A 25 2.93 2.81 4.90
N ALA A 26 2.47 1.58 5.06
CA ALA A 26 1.50 1.01 4.13
C ALA A 26 0.52 2.07 3.64
N GLY A 27 -0.24 2.65 4.56
CA GLY A 27 -1.20 3.67 4.20
C GLY A 27 -0.71 4.56 3.07
N ARG A 28 0.49 5.13 3.24
CA ARG A 28 1.07 6.00 2.24
C ARG A 28 1.15 5.29 0.89
N ALA A 29 1.80 4.12 0.88
CA ALA A 29 1.95 3.34 -0.34
C ALA A 29 0.60 3.07 -1.00
N LEU A 30 -0.30 2.45 -0.24
CA LEU A 30 -1.63 2.13 -0.74
C LEU A 30 -2.15 3.24 -1.64
N LYS A 31 -1.96 4.48 -1.23
CA LYS A 31 -2.40 5.63 -2.00
C LYS A 31 -1.51 5.86 -3.22
N GLN A 32 -0.20 5.83 -2.99
CA GLN A 32 0.77 6.02 -4.06
C GLN A 32 0.40 5.17 -5.28
N THR A 33 0.17 3.89 -5.04
CA THR A 33 -0.18 2.97 -6.12
C THR A 33 -1.54 3.31 -6.72
N GLY A 34 -2.54 3.46 -5.85
CA GLY A 34 -3.87 3.79 -6.32
C GLY A 34 -4.89 2.73 -5.95
N SER A 35 -4.72 2.13 -4.79
CA SER A 35 -5.63 1.09 -4.31
C SER A 35 -6.09 0.21 -5.47
N ARG A 36 -5.13 -0.29 -6.24
CA ARG A 36 -5.44 -1.15 -7.38
C ARG A 36 -5.39 -2.63 -6.98
N SER A 37 -4.37 -2.99 -6.22
CA SER A 37 -4.20 -4.37 -5.78
C SER A 37 -3.26 -4.44 -4.58
N ILE A 38 -3.48 -5.44 -3.73
CA ILE A 38 -2.65 -5.62 -2.54
C ILE A 38 -1.19 -5.80 -2.90
N GLU A 39 -0.94 -6.20 -4.15
CA GLU A 39 0.42 -6.40 -4.63
C GLU A 39 1.13 -5.07 -4.85
N ALA A 40 0.54 -4.22 -5.68
CA ALA A 40 1.11 -2.91 -5.97
C ALA A 40 1.65 -2.25 -4.71
N ALA A 41 0.78 -2.09 -3.71
CA ALA A 41 1.18 -1.48 -2.45
C ALA A 41 2.58 -1.94 -2.03
N LEU A 42 2.77 -3.25 -1.94
CA LEU A 42 4.06 -3.80 -1.56
C LEU A 42 5.11 -3.52 -2.63
N GLU A 43 4.86 -4.01 -3.84
CA GLU A 43 5.79 -3.81 -4.94
C GLU A 43 6.41 -2.42 -4.89
N TYR A 44 5.58 -1.41 -4.70
CA TYR A 44 6.05 -0.03 -4.63
C TYR A 44 7.20 0.11 -3.63
N ILE A 45 6.94 -0.24 -2.37
CA ILE A 45 7.94 -0.16 -1.33
C ILE A 45 9.29 -0.66 -1.83
N SER A 46 9.28 -1.82 -2.48
CA SER A 46 10.51 -2.41 -3.01
C SER A 46 11.12 -1.52 -4.08
N LYS A 47 10.30 -1.10 -5.05
CA LYS A 47 10.76 -0.24 -6.13
C LYS A 47 11.54 0.94 -5.59
N MET A 48 10.93 1.68 -4.65
CA MET A 48 11.57 2.84 -4.05
C MET A 48 12.92 2.46 -3.44
N SER A 49 12.89 1.51 -2.52
CA SER A 49 14.12 1.07 -1.85
C SER A 49 14.73 -0.13 -2.58
N GLY A 50 15.63 0.16 -3.50
CA GLY A 50 16.28 -0.90 -4.26
C GLY A 50 17.49 -0.41 -5.02
N PRO A 51 17.29 -0.06 -6.30
CA PRO A 51 18.37 0.43 -7.16
C PRO A 51 18.85 1.82 -6.76
N SER A 52 20.13 2.07 -6.98
CA SER A 52 20.73 3.36 -6.64
C SER A 52 21.36 4.02 -7.86
N SER A 53 20.80 5.15 -8.27
CA SER A 53 21.30 5.88 -9.43
C SER A 53 21.37 4.96 -10.65
N GLY A 54 20.34 4.14 -10.83
CA GLY A 54 20.29 3.23 -11.96
C GLY A 54 20.75 1.83 -11.59
N GLY A 1 -22.17 7.80 -2.62
CA GLY A 1 -22.56 8.70 -1.55
C GLY A 1 -22.46 10.16 -1.96
N SER A 2 -21.33 10.78 -1.67
CA SER A 2 -21.11 12.18 -2.01
C SER A 2 -20.11 12.32 -3.16
N SER A 3 -19.93 13.54 -3.63
CA SER A 3 -19.00 13.81 -4.72
C SER A 3 -17.66 14.31 -4.19
N GLY A 4 -16.72 13.39 -4.00
CA GLY A 4 -15.41 13.75 -3.50
C GLY A 4 -14.47 12.57 -3.41
N SER A 5 -13.69 12.52 -2.34
CA SER A 5 -12.73 11.43 -2.13
C SER A 5 -13.27 10.42 -1.13
N SER A 6 -13.09 9.14 -1.44
CA SER A 6 -13.56 8.07 -0.57
C SER A 6 -12.54 7.79 0.54
N GLY A 7 -11.28 7.67 0.15
CA GLY A 7 -10.23 7.40 1.12
C GLY A 7 -9.49 6.10 0.82
N VAL A 8 -8.23 6.03 1.26
CA VAL A 8 -7.42 4.84 1.05
C VAL A 8 -8.10 3.60 1.60
N ASN A 9 -8.44 2.67 0.71
CA ASN A 9 -9.09 1.43 1.12
C ASN A 9 -8.55 0.94 2.46
N ARG A 10 -9.45 0.84 3.44
CA ARG A 10 -9.06 0.38 4.77
C ARG A 10 -8.87 -1.14 4.80
N GLN A 11 -9.62 -1.83 3.95
CA GLN A 11 -9.54 -3.28 3.88
C GLN A 11 -8.19 -3.72 3.31
N MET A 12 -7.81 -3.14 2.18
CA MET A 12 -6.53 -3.47 1.55
C MET A 12 -5.38 -3.33 2.53
N LEU A 13 -5.60 -2.55 3.58
CA LEU A 13 -4.58 -2.34 4.60
C LEU A 13 -4.45 -3.54 5.52
N GLN A 14 -5.56 -3.89 6.18
CA GLN A 14 -5.58 -5.03 7.09
C GLN A 14 -5.01 -6.27 6.42
N GLU A 15 -4.99 -6.27 5.09
CA GLU A 15 -4.48 -7.40 4.33
C GLU A 15 -2.98 -7.25 4.07
N LEU A 16 -2.61 -6.13 3.46
CA LEU A 16 -1.21 -5.86 3.14
C LEU A 16 -0.35 -5.90 4.42
N VAL A 17 -0.92 -5.43 5.51
CA VAL A 17 -0.22 -5.41 6.79
C VAL A 17 0.14 -6.82 7.24
N ASN A 18 -0.77 -7.76 7.02
CA ASN A 18 -0.56 -9.15 7.39
C ASN A 18 0.82 -9.63 6.91
N ALA A 19 1.11 -9.41 5.64
CA ALA A 19 2.37 -9.82 5.06
C ALA A 19 3.55 -9.36 5.93
N GLY A 20 3.59 -8.07 6.23
CA GLY A 20 4.66 -7.54 7.06
C GLY A 20 4.99 -6.10 6.73
N CYS A 21 3.95 -5.31 6.43
CA CYS A 21 4.13 -3.90 6.10
C CYS A 21 3.52 -3.01 7.17
N ASP A 22 4.31 -2.08 7.68
CA ASP A 22 3.86 -1.16 8.71
C ASP A 22 2.52 -0.54 8.32
N GLN A 23 1.67 -0.31 9.33
CA GLN A 23 0.36 0.28 9.08
C GLN A 23 0.48 1.70 8.54
N GLU A 24 1.22 2.54 9.27
CA GLU A 24 1.43 3.92 8.86
C GLU A 24 1.95 3.99 7.43
N MET A 25 3.15 3.45 7.22
CA MET A 25 3.77 3.46 5.91
C MET A 25 2.82 2.91 4.85
N ALA A 26 2.23 1.75 5.14
CA ALA A 26 1.30 1.11 4.22
C ALA A 26 0.32 2.13 3.64
N GLY A 27 -0.44 2.79 4.52
CA GLY A 27 -1.40 3.78 4.08
C GLY A 27 -0.90 4.58 2.90
N ARG A 28 0.29 5.17 3.03
CA ARG A 28 0.86 5.97 1.96
C ARG A 28 0.96 5.17 0.68
N ALA A 29 1.79 4.13 0.68
CA ALA A 29 1.96 3.29 -0.49
C ALA A 29 0.63 2.95 -1.14
N LEU A 30 -0.35 2.59 -0.31
CA LEU A 30 -1.68 2.24 -0.81
C LEU A 30 -2.26 3.39 -1.64
N LYS A 31 -2.12 4.60 -1.13
CA LYS A 31 -2.63 5.78 -1.82
C LYS A 31 -1.80 6.09 -3.07
N GLN A 32 -0.49 6.18 -2.88
CA GLN A 32 0.42 6.47 -4.00
C GLN A 32 0.08 5.61 -5.21
N THR A 33 -0.02 4.31 -5.01
CA THR A 33 -0.34 3.39 -6.09
C THR A 33 -1.73 3.67 -6.66
N GLY A 34 -2.68 3.96 -5.79
CA GLY A 34 -4.04 4.26 -6.22
C GLY A 34 -5.02 3.20 -5.79
N SER A 35 -4.90 2.74 -4.55
CA SER A 35 -5.79 1.71 -4.02
C SER A 35 -5.96 0.57 -5.01
N ARG A 36 -4.86 0.19 -5.65
CA ARG A 36 -4.88 -0.89 -6.63
C ARG A 36 -4.54 -2.23 -5.97
N SER A 37 -4.50 -3.28 -6.77
CA SER A 37 -4.18 -4.62 -6.28
C SER A 37 -3.17 -4.55 -5.14
N ILE A 38 -3.43 -5.30 -4.07
CA ILE A 38 -2.53 -5.33 -2.92
C ILE A 38 -1.09 -5.59 -3.35
N GLU A 39 -0.91 -6.59 -4.21
CA GLU A 39 0.41 -6.96 -4.69
C GLU A 39 1.23 -5.71 -5.00
N ALA A 40 0.69 -4.85 -5.86
CA ALA A 40 1.37 -3.61 -6.25
C ALA A 40 1.89 -2.87 -5.02
N ALA A 41 0.98 -2.54 -4.11
CA ALA A 41 1.35 -1.83 -2.90
C ALA A 41 2.65 -2.38 -2.31
N LEU A 42 2.67 -3.69 -2.06
CA LEU A 42 3.84 -4.33 -1.49
C LEU A 42 5.07 -4.10 -2.36
N GLU A 43 4.91 -4.29 -3.67
CA GLU A 43 6.01 -4.10 -4.61
C GLU A 43 6.61 -2.71 -4.45
N TYR A 44 5.78 -1.68 -4.60
CA TYR A 44 6.24 -0.30 -4.47
C TYR A 44 7.22 -0.15 -3.30
N ILE A 45 6.79 -0.60 -2.13
CA ILE A 45 7.61 -0.52 -0.93
C ILE A 45 8.95 -1.25 -1.14
N SER A 46 8.87 -2.50 -1.57
CA SER A 46 10.06 -3.30 -1.81
C SER A 46 11.04 -2.57 -2.71
N LYS A 47 10.51 -1.92 -3.75
CA LYS A 47 11.33 -1.19 -4.70
C LYS A 47 11.99 0.02 -4.02
N MET A 48 11.17 0.91 -3.48
CA MET A 48 11.68 2.10 -2.80
C MET A 48 12.91 1.77 -1.97
N SER A 49 12.81 0.71 -1.17
CA SER A 49 13.92 0.29 -0.31
C SER A 49 14.80 -0.72 -1.03
N GLY A 50 16.09 -0.43 -1.12
CA GLY A 50 17.01 -1.32 -1.78
C GLY A 50 16.98 -1.18 -3.29
N PRO A 51 17.41 0.00 -3.78
CA PRO A 51 17.42 0.28 -5.23
C PRO A 51 18.50 -0.53 -5.96
N SER A 52 18.06 -1.40 -6.86
CA SER A 52 18.98 -2.23 -7.62
C SER A 52 19.36 -1.56 -8.94
N SER A 53 20.59 -1.06 -9.02
CA SER A 53 21.07 -0.39 -10.22
C SER A 53 21.29 -1.40 -11.35
N GLY A 54 20.36 -1.43 -12.30
CA GLY A 54 20.47 -2.35 -13.42
C GLY A 54 21.72 -2.11 -14.24
N GLY A 1 -20.60 13.85 7.65
CA GLY A 1 -19.58 14.54 6.90
C GLY A 1 -19.92 14.68 5.42
N SER A 2 -18.92 14.43 4.57
CA SER A 2 -19.13 14.54 3.12
C SER A 2 -19.12 13.15 2.48
N SER A 3 -20.28 12.73 1.97
CA SER A 3 -20.42 11.43 1.34
C SER A 3 -19.25 11.17 0.38
N GLY A 4 -18.34 10.30 0.79
CA GLY A 4 -17.20 9.97 -0.04
C GLY A 4 -15.95 10.72 0.38
N SER A 5 -15.03 10.01 1.02
CA SER A 5 -13.78 10.60 1.49
C SER A 5 -12.60 10.10 0.67
N SER A 6 -12.14 10.93 -0.27
CA SER A 6 -11.02 10.57 -1.12
C SER A 6 -9.90 9.94 -0.31
N GLY A 7 -9.49 8.73 -0.71
CA GLY A 7 -8.43 8.04 0.00
C GLY A 7 -8.34 6.57 -0.38
N VAL A 8 -7.33 5.88 0.14
CA VAL A 8 -7.14 4.47 -0.14
C VAL A 8 -8.22 3.63 0.51
N ASN A 9 -8.11 2.31 0.35
CA ASN A 9 -9.08 1.39 0.93
C ASN A 9 -8.57 0.81 2.25
N ARG A 10 -9.49 0.40 3.12
CA ARG A 10 -9.13 -0.16 4.41
C ARG A 10 -8.87 -1.67 4.29
N GLN A 11 -9.84 -2.38 3.72
CA GLN A 11 -9.71 -3.83 3.55
C GLN A 11 -8.35 -4.19 2.98
N MET A 12 -7.96 -3.51 1.92
CA MET A 12 -6.67 -3.76 1.28
C MET A 12 -5.52 -3.56 2.26
N LEU A 13 -5.70 -2.62 3.19
CA LEU A 13 -4.68 -2.33 4.19
C LEU A 13 -4.57 -3.46 5.20
N GLN A 14 -5.64 -3.71 5.94
CA GLN A 14 -5.66 -4.78 6.93
C GLN A 14 -5.07 -6.07 6.36
N GLU A 15 -5.07 -6.18 5.04
CA GLU A 15 -4.54 -7.35 4.37
C GLU A 15 -3.03 -7.26 4.20
N LEU A 16 -2.58 -6.23 3.48
CA LEU A 16 -1.17 -6.02 3.25
C LEU A 16 -0.40 -5.93 4.57
N VAL A 17 -1.02 -5.32 5.56
CA VAL A 17 -0.40 -5.16 6.88
C VAL A 17 -0.19 -6.52 7.54
N ASN A 18 -1.06 -7.47 7.22
CA ASN A 18 -0.95 -8.82 7.78
C ASN A 18 0.32 -9.52 7.31
N ALA A 19 0.63 -9.35 6.04
CA ALA A 19 1.83 -9.96 5.46
C ALA A 19 3.08 -9.56 6.23
N GLY A 20 3.16 -8.28 6.59
CA GLY A 20 4.32 -7.80 7.33
C GLY A 20 4.65 -6.35 7.01
N CYS A 21 3.62 -5.56 6.74
CA CYS A 21 3.81 -4.15 6.40
C CYS A 21 3.36 -3.26 7.55
N ASP A 22 4.05 -2.13 7.72
CA ASP A 22 3.72 -1.19 8.79
C ASP A 22 2.35 -0.56 8.54
N GLN A 23 1.74 -0.05 9.60
CA GLN A 23 0.43 0.59 9.50
C GLN A 23 0.55 2.01 8.99
N GLU A 24 1.64 2.69 9.36
CA GLU A 24 1.87 4.06 8.94
C GLU A 24 2.54 4.09 7.57
N MET A 25 3.31 3.06 7.26
CA MET A 25 4.01 2.97 5.98
C MET A 25 3.09 2.41 4.90
N ALA A 26 2.32 1.38 5.26
CA ALA A 26 1.40 0.74 4.32
C ALA A 26 0.58 1.79 3.57
N GLY A 27 -0.23 2.55 4.31
CA GLY A 27 -1.04 3.58 3.69
C GLY A 27 -0.29 4.37 2.64
N ARG A 28 0.80 5.01 3.05
CA ARG A 28 1.61 5.80 2.14
C ARG A 28 1.64 5.18 0.75
N ALA A 29 2.13 3.94 0.67
CA ALA A 29 2.22 3.23 -0.59
C ALA A 29 0.83 3.02 -1.19
N LEU A 30 -0.08 2.46 -0.41
CA LEU A 30 -1.44 2.21 -0.87
C LEU A 30 -1.98 3.39 -1.67
N LYS A 31 -1.75 4.60 -1.13
CA LYS A 31 -2.20 5.82 -1.79
C LYS A 31 -1.44 6.05 -3.10
N GLN A 32 -0.12 6.07 -3.00
CA GLN A 32 0.74 6.29 -4.17
C GLN A 32 0.22 5.49 -5.36
N THR A 33 -0.18 4.25 -5.11
CA THR A 33 -0.68 3.39 -6.17
C THR A 33 -2.14 3.68 -6.48
N GLY A 34 -2.94 3.89 -5.43
CA GLY A 34 -4.34 4.20 -5.61
C GLY A 34 -5.21 2.96 -5.48
N SER A 35 -5.15 2.30 -4.32
CA SER A 35 -5.93 1.10 -4.07
C SER A 35 -6.01 0.24 -5.33
N ARG A 36 -4.85 -0.08 -5.89
CA ARG A 36 -4.79 -0.90 -7.10
C ARG A 36 -4.88 -2.39 -6.75
N SER A 37 -4.00 -2.84 -5.87
CA SER A 37 -3.98 -4.24 -5.45
C SER A 37 -2.99 -4.46 -4.30
N ILE A 38 -3.32 -5.40 -3.42
CA ILE A 38 -2.47 -5.69 -2.28
C ILE A 38 -1.00 -5.76 -2.69
N GLU A 39 -0.73 -6.48 -3.78
CA GLU A 39 0.63 -6.62 -4.27
C GLU A 39 1.18 -5.28 -4.75
N ALA A 40 0.43 -4.62 -5.63
CA ALA A 40 0.84 -3.33 -6.16
C ALA A 40 1.55 -2.49 -5.10
N ALA A 41 0.87 -2.27 -3.97
CA ALA A 41 1.44 -1.49 -2.88
C ALA A 41 2.79 -2.04 -2.46
N LEU A 42 2.85 -3.35 -2.23
CA LEU A 42 4.09 -4.00 -1.82
C LEU A 42 5.19 -3.76 -2.84
N GLU A 43 4.86 -3.92 -4.12
CA GLU A 43 5.83 -3.71 -5.19
C GLU A 43 6.52 -2.37 -5.05
N TYR A 44 5.73 -1.31 -4.95
CA TYR A 44 6.26 0.04 -4.81
C TYR A 44 7.24 0.13 -3.64
N ILE A 45 6.74 -0.15 -2.44
CA ILE A 45 7.57 -0.11 -1.25
C ILE A 45 8.88 -0.84 -1.46
N SER A 46 8.82 -1.96 -2.19
CA SER A 46 10.01 -2.76 -2.48
C SER A 46 10.97 -2.00 -3.37
N LYS A 47 10.43 -1.35 -4.41
CA LYS A 47 11.24 -0.59 -5.35
C LYS A 47 12.38 0.12 -4.62
N MET A 48 12.02 1.05 -3.74
CA MET A 48 13.02 1.80 -2.98
C MET A 48 14.08 0.87 -2.40
N SER A 49 13.63 -0.08 -1.59
CA SER A 49 14.55 -1.04 -0.97
C SER A 49 14.41 -2.42 -1.59
N GLY A 50 15.25 -2.69 -2.59
CA GLY A 50 15.20 -3.98 -3.26
C GLY A 50 16.29 -4.12 -4.31
N PRO A 51 17.52 -4.42 -3.83
CA PRO A 51 18.68 -4.59 -4.72
C PRO A 51 18.60 -5.86 -5.54
N SER A 52 18.48 -5.70 -6.86
CA SER A 52 18.37 -6.84 -7.76
C SER A 52 19.71 -7.09 -8.46
N SER A 53 19.75 -8.14 -9.27
CA SER A 53 20.97 -8.50 -10.00
C SER A 53 20.77 -8.35 -11.50
N GLY A 54 21.44 -7.37 -12.08
CA GLY A 54 21.32 -7.14 -13.52
C GLY A 54 21.60 -5.70 -13.90
N GLY A 1 -20.51 19.10 -2.77
CA GLY A 1 -19.26 18.46 -2.42
C GLY A 1 -19.39 16.97 -2.28
N SER A 2 -18.73 16.41 -1.27
CA SER A 2 -18.77 14.98 -1.02
C SER A 2 -18.28 14.65 0.38
N SER A 3 -18.92 13.68 1.03
CA SER A 3 -18.56 13.28 2.37
C SER A 3 -19.15 11.91 2.71
N GLY A 4 -18.29 10.89 2.77
CA GLY A 4 -18.76 9.55 3.09
C GLY A 4 -17.69 8.51 2.86
N SER A 5 -17.01 8.59 1.73
CA SER A 5 -15.96 7.64 1.38
C SER A 5 -14.64 8.02 2.05
N SER A 6 -14.04 7.05 2.73
CA SER A 6 -12.77 7.29 3.42
C SER A 6 -11.60 7.29 2.43
N GLY A 7 -10.43 7.65 2.93
CA GLY A 7 -9.25 7.70 2.08
C GLY A 7 -8.84 6.33 1.58
N VAL A 8 -7.61 5.94 1.90
CA VAL A 8 -7.09 4.63 1.48
C VAL A 8 -8.07 3.51 1.83
N ASN A 9 -8.07 2.46 1.03
CA ASN A 9 -8.95 1.32 1.26
C ASN A 9 -8.54 0.57 2.53
N ARG A 10 -9.40 0.63 3.54
CA ARG A 10 -9.14 -0.04 4.81
C ARG A 10 -8.86 -1.53 4.59
N GLN A 11 -9.90 -2.25 4.17
CA GLN A 11 -9.77 -3.69 3.92
C GLN A 11 -8.42 -4.01 3.30
N MET A 12 -8.18 -3.47 2.10
CA MET A 12 -6.92 -3.70 1.39
C MET A 12 -5.73 -3.55 2.33
N LEU A 13 -5.73 -2.48 3.12
CA LEU A 13 -4.65 -2.21 4.06
C LEU A 13 -4.52 -3.35 5.07
N GLN A 14 -5.56 -3.56 5.86
CA GLN A 14 -5.56 -4.62 6.86
C GLN A 14 -4.96 -5.90 6.30
N GLU A 15 -5.06 -6.08 4.98
CA GLU A 15 -4.53 -7.26 4.32
C GLU A 15 -3.03 -7.13 4.11
N LEU A 16 -2.63 -6.13 3.31
CA LEU A 16 -1.23 -5.90 3.02
C LEU A 16 -0.41 -5.83 4.30
N VAL A 17 -1.00 -5.25 5.35
CA VAL A 17 -0.33 -5.13 6.63
C VAL A 17 -0.26 -6.47 7.35
N ASN A 18 -1.28 -7.30 7.16
CA ASN A 18 -1.32 -8.62 7.78
C ASN A 18 -0.19 -9.50 7.27
N ALA A 19 0.16 -9.34 6.00
CA ALA A 19 1.23 -10.12 5.39
C ALA A 19 2.54 -9.93 6.14
N GLY A 20 2.93 -8.67 6.33
CA GLY A 20 4.16 -8.37 7.04
C GLY A 20 4.66 -6.97 6.76
N CYS A 21 3.74 -6.02 6.66
CA CYS A 21 4.08 -4.63 6.40
C CYS A 21 3.68 -3.74 7.56
N ASP A 22 4.03 -2.46 7.47
CA ASP A 22 3.70 -1.50 8.52
C ASP A 22 2.28 -1.00 8.36
N GLN A 23 1.81 -0.24 9.36
CA GLN A 23 0.46 0.29 9.34
C GLN A 23 0.43 1.67 8.69
N GLU A 24 1.43 2.49 9.01
CA GLU A 24 1.52 3.83 8.45
C GLU A 24 2.07 3.80 7.03
N MET A 25 3.35 3.46 6.91
CA MET A 25 4.00 3.38 5.61
C MET A 25 3.07 2.78 4.56
N ALA A 26 2.50 1.62 4.89
CA ALA A 26 1.59 0.94 3.97
C ALA A 26 0.55 1.91 3.41
N GLY A 27 -0.36 2.35 4.27
CA GLY A 27 -1.39 3.27 3.84
C GLY A 27 -0.89 4.26 2.79
N ARG A 28 0.23 4.91 3.08
CA ARG A 28 0.82 5.88 2.17
C ARG A 28 1.00 5.27 0.78
N ALA A 29 1.83 4.24 0.70
CA ALA A 29 2.11 3.57 -0.56
C ALA A 29 0.81 3.21 -1.28
N LEU A 30 -0.17 2.74 -0.52
CA LEU A 30 -1.46 2.36 -1.08
C LEU A 30 -2.07 3.50 -1.88
N LYS A 31 -2.21 4.66 -1.23
CA LYS A 31 -2.77 5.84 -1.88
C LYS A 31 -1.95 6.22 -3.11
N GLN A 32 -0.65 6.33 -2.93
CA GLN A 32 0.24 6.69 -4.03
C GLN A 32 -0.15 5.98 -5.32
N THR A 33 -0.22 4.66 -5.26
CA THR A 33 -0.59 3.85 -6.41
C THR A 33 -2.06 4.02 -6.75
N GLY A 34 -2.90 4.07 -5.72
CA GLY A 34 -4.33 4.23 -5.93
C GLY A 34 -5.11 2.99 -5.57
N SER A 35 -4.99 2.56 -4.32
CA SER A 35 -5.70 1.38 -3.85
C SER A 35 -5.47 0.20 -4.79
N ARG A 36 -4.21 -0.05 -5.13
CA ARG A 36 -3.85 -1.14 -6.02
C ARG A 36 -3.76 -2.46 -5.27
N SER A 37 -3.86 -3.56 -5.99
CA SER A 37 -3.79 -4.89 -5.39
C SER A 37 -2.83 -4.89 -4.22
N ILE A 38 -3.24 -5.51 -3.11
CA ILE A 38 -2.41 -5.59 -1.92
C ILE A 38 -0.95 -5.81 -2.29
N GLU A 39 -0.71 -6.45 -3.42
CA GLU A 39 0.64 -6.72 -3.90
C GLU A 39 1.34 -5.43 -4.31
N ALA A 40 0.78 -4.77 -5.33
CA ALA A 40 1.35 -3.53 -5.83
C ALA A 40 1.92 -2.69 -4.70
N ALA A 41 1.07 -2.29 -3.76
CA ALA A 41 1.49 -1.48 -2.63
C ALA A 41 2.89 -1.88 -2.17
N LEU A 42 3.06 -3.14 -1.83
CA LEU A 42 4.36 -3.65 -1.37
C LEU A 42 5.41 -3.55 -2.49
N GLU A 43 5.06 -4.03 -3.67
CA GLU A 43 5.96 -3.98 -4.82
C GLU A 43 6.61 -2.62 -4.94
N TYR A 44 5.79 -1.57 -4.92
CA TYR A 44 6.28 -0.21 -5.04
C TYR A 44 7.37 0.07 -4.02
N ILE A 45 7.09 -0.26 -2.76
CA ILE A 45 8.05 -0.05 -1.67
C ILE A 45 9.38 -0.71 -1.98
N SER A 46 9.32 -1.89 -2.61
CA SER A 46 10.52 -2.64 -2.96
C SER A 46 11.30 -1.91 -4.06
N LYS A 47 10.59 -1.54 -5.13
CA LYS A 47 11.22 -0.85 -6.25
C LYS A 47 12.07 0.32 -5.76
N MET A 48 11.50 1.12 -4.86
CA MET A 48 12.21 2.28 -4.32
C MET A 48 13.45 1.83 -3.54
N SER A 49 13.25 0.90 -2.60
CA SER A 49 14.35 0.40 -1.78
C SER A 49 15.53 -0.03 -2.66
N GLY A 50 15.23 -0.79 -3.71
CA GLY A 50 16.27 -1.26 -4.60
C GLY A 50 17.27 -2.17 -3.91
N PRO A 51 18.48 -2.28 -4.49
CA PRO A 51 19.54 -3.12 -3.94
C PRO A 51 20.11 -2.56 -2.65
N SER A 52 20.95 -3.35 -1.98
CA SER A 52 21.56 -2.93 -0.73
C SER A 52 23.05 -3.26 -0.71
N SER A 53 23.78 -2.65 0.22
CA SER A 53 25.22 -2.89 0.35
C SER A 53 25.76 -2.26 1.62
N GLY A 54 27.01 -2.57 1.94
CA GLY A 54 27.63 -2.03 3.14
C GLY A 54 27.67 -3.02 4.28
N GLY A 1 -21.23 12.03 -6.08
CA GLY A 1 -21.18 11.16 -4.92
C GLY A 1 -21.79 9.80 -5.19
N SER A 2 -20.98 8.87 -5.68
CA SER A 2 -21.45 7.53 -5.98
C SER A 2 -20.65 6.48 -5.19
N SER A 3 -21.37 5.60 -4.52
CA SER A 3 -20.74 4.55 -3.72
C SER A 3 -19.52 3.98 -4.44
N GLY A 4 -18.60 3.40 -3.68
CA GLY A 4 -17.40 2.82 -4.26
C GLY A 4 -16.14 3.54 -3.82
N SER A 5 -15.45 2.96 -2.84
CA SER A 5 -14.22 3.55 -2.31
C SER A 5 -13.42 4.22 -3.44
N SER A 6 -13.00 5.46 -3.20
CA SER A 6 -12.24 6.20 -4.19
C SER A 6 -10.77 6.29 -3.78
N GLY A 7 -10.52 6.89 -2.61
CA GLY A 7 -9.16 7.04 -2.13
C GLY A 7 -8.54 5.71 -1.73
N VAL A 8 -7.74 5.73 -0.67
CA VAL A 8 -7.08 4.52 -0.19
C VAL A 8 -8.09 3.57 0.44
N ASN A 9 -8.02 2.29 0.06
CA ASN A 9 -8.92 1.28 0.60
C ASN A 9 -8.43 0.79 1.95
N ARG A 10 -9.38 0.50 2.84
CA ARG A 10 -9.06 0.01 4.18
C ARG A 10 -8.98 -1.51 4.21
N GLN A 11 -9.94 -2.16 3.55
CA GLN A 11 -9.98 -3.61 3.51
C GLN A 11 -8.68 -4.18 2.95
N MET A 12 -8.08 -3.45 2.01
CA MET A 12 -6.83 -3.89 1.39
C MET A 12 -5.66 -3.67 2.34
N LEU A 13 -5.86 -2.81 3.33
CA LEU A 13 -4.82 -2.51 4.31
C LEU A 13 -4.55 -3.72 5.21
N GLN A 14 -5.52 -4.04 6.07
CA GLN A 14 -5.39 -5.16 6.97
C GLN A 14 -4.74 -6.35 6.27
N GLU A 15 -4.87 -6.40 4.95
CA GLU A 15 -4.30 -7.48 4.16
C GLU A 15 -2.80 -7.26 3.94
N LEU A 16 -2.47 -6.15 3.29
CA LEU A 16 -1.07 -5.81 3.00
C LEU A 16 -0.26 -5.76 4.28
N VAL A 17 -0.85 -5.18 5.34
CA VAL A 17 -0.17 -5.07 6.62
C VAL A 17 0.15 -6.44 7.20
N ASN A 18 -0.74 -7.40 6.96
CA ASN A 18 -0.55 -8.76 7.46
C ASN A 18 0.81 -9.31 7.02
N ALA A 19 1.12 -9.16 5.74
CA ALA A 19 2.38 -9.63 5.19
C ALA A 19 3.56 -9.20 6.06
N GLY A 20 3.54 -7.93 6.47
CA GLY A 20 4.61 -7.41 7.30
C GLY A 20 4.97 -5.98 6.96
N CYS A 21 3.96 -5.11 6.96
CA CYS A 21 4.18 -3.70 6.64
C CYS A 21 3.55 -2.80 7.72
N ASP A 22 4.35 -1.88 8.24
CA ASP A 22 3.88 -0.97 9.27
C ASP A 22 2.55 -0.34 8.87
N GLN A 23 1.60 -0.34 9.81
CA GLN A 23 0.27 0.22 9.55
C GLN A 23 0.38 1.58 8.87
N GLU A 24 1.26 2.43 9.40
CA GLU A 24 1.45 3.77 8.84
C GLU A 24 2.03 3.69 7.43
N MET A 25 3.29 3.28 7.34
CA MET A 25 3.96 3.16 6.05
C MET A 25 3.01 2.59 5.00
N ALA A 26 2.34 1.49 5.33
CA ALA A 26 1.41 0.86 4.41
C ALA A 26 0.56 1.90 3.69
N GLY A 27 -0.27 2.62 4.45
CA GLY A 27 -1.12 3.64 3.86
C GLY A 27 -0.40 4.45 2.81
N ARG A 28 0.68 5.12 3.20
CA ARG A 28 1.45 5.94 2.29
C ARG A 28 1.48 5.33 0.90
N ALA A 29 1.90 4.07 0.82
CA ALA A 29 1.97 3.37 -0.45
C ALA A 29 0.60 3.29 -1.12
N LEU A 30 -0.32 2.58 -0.47
CA LEU A 30 -1.68 2.42 -1.00
C LEU A 30 -2.14 3.70 -1.70
N LYS A 31 -1.80 4.84 -1.12
CA LYS A 31 -2.17 6.14 -1.68
C LYS A 31 -1.33 6.44 -2.93
N GLN A 32 -0.02 6.56 -2.74
CA GLN A 32 0.88 6.86 -3.85
C GLN A 32 0.52 6.04 -5.07
N THR A 33 0.56 4.71 -4.94
CA THR A 33 0.23 3.81 -6.04
C THR A 33 -1.25 3.91 -6.40
N GLY A 34 -2.11 3.71 -5.41
CA GLY A 34 -3.53 3.78 -5.65
C GLY A 34 -4.21 2.44 -5.46
N SER A 35 -5.24 2.40 -4.61
CA SER A 35 -5.96 1.17 -4.35
C SER A 35 -6.26 0.41 -5.65
N ARG A 36 -5.34 -0.49 -6.02
CA ARG A 36 -5.50 -1.27 -7.24
C ARG A 36 -5.39 -2.76 -6.94
N SER A 37 -4.41 -3.13 -6.11
CA SER A 37 -4.20 -4.53 -5.75
C SER A 37 -3.18 -4.65 -4.62
N ILE A 38 -3.61 -5.23 -3.51
CA ILE A 38 -2.74 -5.41 -2.36
C ILE A 38 -1.30 -5.70 -2.79
N GLU A 39 -1.16 -6.49 -3.86
CA GLU A 39 0.15 -6.84 -4.37
C GLU A 39 0.92 -5.59 -4.82
N ALA A 40 0.24 -4.73 -5.58
CA ALA A 40 0.84 -3.50 -6.07
C ALA A 40 1.50 -2.72 -4.93
N ALA A 41 0.70 -2.38 -3.92
CA ALA A 41 1.20 -1.63 -2.78
C ALA A 41 2.56 -2.14 -2.33
N LEU A 42 2.63 -3.43 -2.02
CA LEU A 42 3.88 -4.04 -1.58
C LEU A 42 4.96 -3.89 -2.64
N GLU A 43 4.64 -4.25 -3.87
CA GLU A 43 5.59 -4.14 -4.97
C GLU A 43 6.30 -2.79 -4.95
N TYR A 44 5.51 -1.72 -4.85
CA TYR A 44 6.04 -0.37 -4.83
C TYR A 44 7.08 -0.21 -3.72
N ILE A 45 6.65 -0.45 -2.48
CA ILE A 45 7.54 -0.34 -1.33
C ILE A 45 8.84 -1.08 -1.57
N SER A 46 8.73 -2.31 -2.07
CA SER A 46 9.91 -3.13 -2.34
C SER A 46 10.78 -2.49 -3.42
N LYS A 47 10.14 -2.04 -4.50
CA LYS A 47 10.85 -1.40 -5.60
C LYS A 47 11.95 -0.49 -5.08
N MET A 48 11.64 0.25 -4.02
CA MET A 48 12.61 1.18 -3.43
C MET A 48 13.59 0.43 -2.54
N SER A 49 13.06 -0.46 -1.70
CA SER A 49 13.89 -1.23 -0.78
C SER A 49 15.09 -1.83 -1.51
N GLY A 50 16.28 -1.35 -1.17
CA GLY A 50 17.49 -1.84 -1.79
C GLY A 50 18.55 -0.77 -1.94
N PRO A 51 19.49 -0.98 -2.88
CA PRO A 51 20.58 -0.03 -3.13
C PRO A 51 20.08 1.26 -3.78
N SER A 52 19.00 1.16 -4.54
CA SER A 52 18.43 2.32 -5.21
C SER A 52 17.53 3.11 -4.26
N SER A 53 16.98 4.20 -4.77
CA SER A 53 16.10 5.05 -3.97
C SER A 53 15.35 6.05 -4.86
N GLY A 54 14.02 5.99 -4.81
CA GLY A 54 13.21 6.89 -5.60
C GLY A 54 12.53 7.95 -4.77
N GLY A 1 -24.42 8.50 -6.77
CA GLY A 1 -23.01 8.59 -6.45
C GLY A 1 -22.47 7.32 -5.83
N SER A 2 -21.21 7.34 -5.44
CA SER A 2 -20.57 6.18 -4.84
C SER A 2 -20.74 6.18 -3.32
N SER A 3 -20.55 7.35 -2.71
CA SER A 3 -20.69 7.50 -1.27
C SER A 3 -19.67 6.62 -0.55
N GLY A 4 -18.44 6.61 -1.05
CA GLY A 4 -17.40 5.80 -0.44
C GLY A 4 -16.30 6.65 0.17
N SER A 5 -15.24 6.01 0.63
CA SER A 5 -14.12 6.70 1.25
C SER A 5 -13.12 7.16 0.20
N SER A 6 -12.49 8.30 0.44
CA SER A 6 -11.50 8.85 -0.49
C SER A 6 -10.09 8.41 -0.11
N GLY A 7 -9.19 8.42 -1.10
CA GLY A 7 -7.82 8.02 -0.85
C GLY A 7 -7.59 6.54 -1.13
N VAL A 8 -7.40 5.77 -0.06
CA VAL A 8 -7.17 4.34 -0.19
C VAL A 8 -8.26 3.54 0.54
N ASN A 9 -8.11 2.22 0.55
CA ASN A 9 -9.08 1.35 1.19
C ASN A 9 -8.59 0.92 2.57
N ARG A 10 -9.53 0.52 3.42
CA ARG A 10 -9.20 0.08 4.78
C ARG A 10 -8.99 -1.43 4.83
N GLN A 11 -9.78 -2.15 4.04
CA GLN A 11 -9.67 -3.60 4.00
C GLN A 11 -8.35 -4.04 3.36
N MET A 12 -8.00 -3.41 2.25
CA MET A 12 -6.75 -3.73 1.55
C MET A 12 -5.55 -3.53 2.47
N LEU A 13 -5.65 -2.55 3.36
CA LEU A 13 -4.57 -2.25 4.29
C LEU A 13 -4.44 -3.34 5.34
N GLN A 14 -5.55 -3.68 5.99
CA GLN A 14 -5.56 -4.71 7.02
C GLN A 14 -4.98 -6.00 6.49
N GLU A 15 -5.09 -6.21 5.19
CA GLU A 15 -4.57 -7.42 4.56
C GLU A 15 -3.07 -7.30 4.31
N LEU A 16 -2.68 -6.26 3.56
CA LEU A 16 -1.28 -6.02 3.25
C LEU A 16 -0.44 -5.89 4.52
N VAL A 17 -1.07 -5.35 5.57
CA VAL A 17 -0.39 -5.17 6.84
C VAL A 17 -0.32 -6.47 7.62
N ASN A 18 -1.31 -7.34 7.41
CA ASN A 18 -1.36 -8.62 8.10
C ASN A 18 -0.20 -9.52 7.67
N ALA A 19 0.31 -9.28 6.46
CA ALA A 19 1.42 -10.06 5.94
C ALA A 19 2.70 -9.80 6.73
N GLY A 20 3.02 -8.53 6.92
CA GLY A 20 4.22 -8.16 7.66
C GLY A 20 4.70 -6.76 7.33
N CYS A 21 3.76 -5.86 7.09
CA CYS A 21 4.08 -4.48 6.77
C CYS A 21 3.56 -3.53 7.84
N ASP A 22 4.10 -2.32 7.87
CA ASP A 22 3.69 -1.32 8.84
C ASP A 22 2.27 -0.84 8.55
N GLN A 23 1.65 -0.22 9.56
CA GLN A 23 0.29 0.28 9.42
C GLN A 23 0.28 1.68 8.80
N GLU A 24 1.26 2.50 9.19
CA GLU A 24 1.37 3.86 8.69
C GLU A 24 2.01 3.86 7.29
N MET A 25 3.18 3.24 7.19
CA MET A 25 3.89 3.18 5.92
C MET A 25 3.03 2.56 4.83
N ALA A 26 2.44 1.40 5.14
CA ALA A 26 1.59 0.70 4.19
C ALA A 26 0.65 1.67 3.47
N GLY A 27 -0.30 2.22 4.20
CA GLY A 27 -1.24 3.17 3.61
C GLY A 27 -0.59 4.04 2.56
N ARG A 28 0.39 4.84 2.98
CA ARG A 28 1.08 5.73 2.05
C ARG A 28 1.24 5.08 0.69
N ALA A 29 1.78 3.87 0.67
CA ALA A 29 1.98 3.14 -0.58
C ALA A 29 0.65 2.90 -1.30
N LEU A 30 -0.35 2.43 -0.56
CA LEU A 30 -1.66 2.17 -1.13
C LEU A 30 -2.21 3.38 -1.84
N LYS A 31 -1.86 4.57 -1.34
CA LYS A 31 -2.31 5.82 -1.93
C LYS A 31 -1.43 6.20 -3.12
N GLN A 32 -0.14 6.38 -2.85
CA GLN A 32 0.80 6.76 -3.90
C GLN A 32 0.53 5.98 -5.18
N THR A 33 0.57 4.64 -5.07
CA THR A 33 0.34 3.79 -6.23
C THR A 33 -1.16 3.65 -6.52
N GLY A 34 -1.95 3.48 -5.47
CA GLY A 34 -3.38 3.35 -5.62
C GLY A 34 -3.92 2.05 -5.04
N SER A 35 -5.09 2.12 -4.41
CA SER A 35 -5.70 0.95 -3.81
C SER A 35 -6.31 0.04 -4.87
N ARG A 36 -5.48 -0.44 -5.78
CA ARG A 36 -5.94 -1.32 -6.85
C ARG A 36 -5.67 -2.78 -6.52
N SER A 37 -4.48 -3.05 -5.98
CA SER A 37 -4.09 -4.40 -5.63
C SER A 37 -3.04 -4.39 -4.52
N ILE A 38 -3.11 -5.39 -3.64
CA ILE A 38 -2.17 -5.50 -2.53
C ILE A 38 -0.73 -5.54 -3.04
N GLU A 39 -0.50 -6.31 -4.10
CA GLU A 39 0.83 -6.44 -4.69
C GLU A 39 1.39 -5.08 -5.06
N ALA A 40 0.69 -4.38 -5.97
CA ALA A 40 1.13 -3.07 -6.41
C ALA A 40 1.77 -2.29 -5.27
N ALA A 41 0.98 -1.99 -4.24
CA ALA A 41 1.46 -1.25 -3.08
C ALA A 41 2.83 -1.77 -2.63
N LEU A 42 2.91 -3.09 -2.44
CA LEU A 42 4.16 -3.71 -2.00
C LEU A 42 5.29 -3.44 -3.00
N GLU A 43 5.00 -3.68 -4.28
CA GLU A 43 5.98 -3.45 -5.34
C GLU A 43 6.63 -2.09 -5.19
N TYR A 44 5.83 -1.04 -5.30
CA TYR A 44 6.34 0.33 -5.18
C TYR A 44 7.35 0.44 -4.04
N ILE A 45 6.94 0.01 -2.86
CA ILE A 45 7.80 0.06 -1.68
C ILE A 45 9.12 -0.68 -1.94
N SER A 46 9.01 -1.90 -2.44
CA SER A 46 10.19 -2.72 -2.72
C SER A 46 11.18 -1.94 -3.58
N LYS A 47 10.70 -1.34 -4.65
CA LYS A 47 11.54 -0.56 -5.55
C LYS A 47 12.47 0.36 -4.76
N MET A 48 11.88 1.16 -3.88
CA MET A 48 12.66 2.09 -3.06
C MET A 48 13.52 1.34 -2.05
N SER A 49 12.87 0.57 -1.18
CA SER A 49 13.57 -0.20 -0.16
C SER A 49 13.51 -1.69 -0.46
N GLY A 50 14.52 -2.18 -1.17
CA GLY A 50 14.56 -3.60 -1.51
C GLY A 50 15.88 -4.25 -1.14
N PRO A 51 16.00 -4.66 0.13
CA PRO A 51 17.21 -5.31 0.65
C PRO A 51 17.41 -6.71 0.07
N SER A 52 18.41 -6.85 -0.80
CA SER A 52 18.70 -8.14 -1.42
C SER A 52 20.17 -8.50 -1.24
N SER A 53 20.46 -9.25 -0.18
CA SER A 53 21.82 -9.67 0.10
C SER A 53 21.94 -11.20 0.07
N GLY A 54 23.16 -11.69 0.25
CA GLY A 54 23.39 -13.12 0.23
C GLY A 54 23.00 -13.79 1.54
N GLY A 1 -24.12 10.63 3.04
CA GLY A 1 -23.24 10.49 1.90
C GLY A 1 -23.08 9.05 1.46
N SER A 2 -24.00 8.58 0.64
CA SER A 2 -23.96 7.20 0.14
C SER A 2 -22.60 6.89 -0.47
N SER A 3 -22.21 7.66 -1.48
CA SER A 3 -20.93 7.46 -2.15
C SER A 3 -19.77 7.76 -1.20
N GLY A 4 -19.15 6.70 -0.69
CA GLY A 4 -18.02 6.85 0.22
C GLY A 4 -16.79 7.38 -0.49
N SER A 5 -15.83 6.49 -0.74
CA SER A 5 -14.59 6.87 -1.39
C SER A 5 -13.86 7.96 -0.61
N SER A 6 -13.87 7.82 0.71
CA SER A 6 -13.22 8.80 1.58
C SER A 6 -11.73 8.90 1.27
N GLY A 7 -11.06 7.75 1.21
CA GLY A 7 -9.64 7.73 0.91
C GLY A 7 -9.11 6.33 0.74
N VAL A 8 -7.85 6.13 1.13
CA VAL A 8 -7.21 4.82 1.02
C VAL A 8 -8.17 3.70 1.42
N ASN A 9 -8.09 2.58 0.72
CA ASN A 9 -8.96 1.44 1.01
C ASN A 9 -8.45 0.67 2.23
N ARG A 10 -9.08 0.90 3.38
CA ARG A 10 -8.70 0.23 4.60
C ARG A 10 -8.78 -1.29 4.45
N GLN A 11 -9.81 -1.75 3.76
CA GLN A 11 -10.00 -3.18 3.53
C GLN A 11 -8.73 -3.83 3.00
N MET A 12 -8.06 -3.14 2.06
CA MET A 12 -6.84 -3.64 1.47
C MET A 12 -5.68 -3.57 2.46
N LEU A 13 -5.71 -2.54 3.31
CA LEU A 13 -4.66 -2.35 4.30
C LEU A 13 -4.57 -3.55 5.24
N GLN A 14 -5.67 -3.86 5.90
CA GLN A 14 -5.72 -4.99 6.83
C GLN A 14 -5.15 -6.25 6.17
N GLU A 15 -5.10 -6.25 4.85
CA GLU A 15 -4.58 -7.39 4.11
C GLU A 15 -3.09 -7.25 3.86
N LEU A 16 -2.70 -6.16 3.21
CA LEU A 16 -1.29 -5.90 2.92
C LEU A 16 -0.46 -5.92 4.20
N VAL A 17 -1.05 -5.47 5.30
CA VAL A 17 -0.37 -5.44 6.58
C VAL A 17 -0.10 -6.85 7.09
N ASN A 18 -1.04 -7.76 6.85
CA ASN A 18 -0.90 -9.13 7.28
C ASN A 18 0.41 -9.74 6.77
N ALA A 19 0.91 -9.20 5.66
CA ALA A 19 2.15 -9.69 5.06
C ALA A 19 3.35 -9.27 5.90
N GLY A 20 3.27 -8.08 6.50
CA GLY A 20 4.36 -7.59 7.31
C GLY A 20 4.80 -6.20 6.92
N CYS A 21 3.84 -5.28 6.83
CA CYS A 21 4.13 -3.90 6.46
C CYS A 21 3.66 -2.93 7.54
N ASP A 22 4.42 -1.86 7.74
CA ASP A 22 4.08 -0.86 8.74
C ASP A 22 2.72 -0.23 8.44
N GLN A 23 1.80 -0.35 9.40
CA GLN A 23 0.46 0.21 9.24
C GLN A 23 0.53 1.66 8.78
N GLU A 24 1.46 2.42 9.35
CA GLU A 24 1.63 3.82 8.99
C GLU A 24 2.12 3.97 7.56
N MET A 25 3.26 3.34 7.27
CA MET A 25 3.85 3.41 5.93
C MET A 25 2.85 2.94 4.87
N ALA A 26 2.39 1.70 5.02
CA ALA A 26 1.42 1.12 4.08
C ALA A 26 0.46 2.19 3.56
N GLY A 27 -0.32 2.78 4.47
CA GLY A 27 -1.26 3.80 4.08
C GLY A 27 -0.74 4.69 2.97
N ARG A 28 0.44 5.27 3.19
CA ARG A 28 1.06 6.15 2.20
C ARG A 28 1.08 5.49 0.83
N ALA A 29 1.68 4.30 0.75
CA ALA A 29 1.77 3.56 -0.50
C ALA A 29 0.39 3.35 -1.10
N LEU A 30 -0.46 2.63 -0.39
CA LEU A 30 -1.82 2.34 -0.85
C LEU A 30 -2.41 3.55 -1.58
N LYS A 31 -1.97 4.74 -1.18
CA LYS A 31 -2.46 5.97 -1.79
C LYS A 31 -1.60 6.35 -3.00
N GLN A 32 -0.30 6.50 -2.78
CA GLN A 32 0.62 6.85 -3.85
C GLN A 32 0.35 6.02 -5.09
N THR A 33 0.49 4.71 -4.97
CA THR A 33 0.26 3.80 -6.09
C THR A 33 -1.23 3.63 -6.36
N GLY A 34 -2.03 3.63 -5.29
CA GLY A 34 -3.46 3.47 -5.43
C GLY A 34 -3.95 2.13 -4.93
N SER A 35 -5.20 2.09 -4.46
CA SER A 35 -5.79 0.87 -3.94
C SER A 35 -6.14 -0.08 -5.07
N ARG A 36 -5.14 -0.51 -5.83
CA ARG A 36 -5.35 -1.42 -6.94
C ARG A 36 -5.38 -2.87 -6.46
N SER A 37 -4.24 -3.36 -5.97
CA SER A 37 -4.13 -4.72 -5.48
C SER A 37 -3.14 -4.81 -4.34
N ILE A 38 -3.38 -5.75 -3.42
CA ILE A 38 -2.51 -5.93 -2.27
C ILE A 38 -1.06 -6.12 -2.70
N GLU A 39 -0.86 -6.41 -3.99
CA GLU A 39 0.47 -6.61 -4.53
C GLU A 39 1.12 -5.27 -4.89
N ALA A 40 0.41 -4.49 -5.71
CA ALA A 40 0.91 -3.19 -6.13
C ALA A 40 1.68 -2.50 -5.01
N ALA A 41 1.12 -2.53 -3.81
CA ALA A 41 1.76 -1.91 -2.65
C ALA A 41 3.10 -2.55 -2.35
N LEU A 42 3.05 -3.79 -1.84
CA LEU A 42 4.28 -4.52 -1.51
C LEU A 42 5.33 -4.34 -2.60
N GLU A 43 4.88 -4.20 -3.84
CA GLU A 43 5.79 -4.02 -4.98
C GLU A 43 6.39 -2.61 -4.96
N TYR A 44 5.54 -1.60 -4.81
CA TYR A 44 5.99 -0.22 -4.80
C TYR A 44 7.01 0.00 -3.68
N ILE A 45 6.68 -0.49 -2.48
CA ILE A 45 7.56 -0.34 -1.33
C ILE A 45 8.94 -0.95 -1.61
N SER A 46 8.94 -2.16 -2.16
CA SER A 46 10.18 -2.85 -2.47
C SER A 46 11.06 -2.01 -3.37
N LYS A 47 10.46 -1.39 -4.39
CA LYS A 47 11.18 -0.55 -5.32
C LYS A 47 12.15 0.39 -4.58
N MET A 48 11.66 0.99 -3.50
CA MET A 48 12.47 1.90 -2.71
C MET A 48 13.72 1.19 -2.17
N SER A 49 13.50 0.10 -1.44
CA SER A 49 14.60 -0.66 -0.87
C SER A 49 14.33 -2.16 -0.96
N GLY A 50 15.40 -2.95 -0.95
CA GLY A 50 15.25 -4.40 -1.05
C GLY A 50 15.90 -4.97 -2.28
N PRO A 51 15.75 -6.28 -2.49
CA PRO A 51 16.31 -6.98 -3.65
C PRO A 51 15.62 -6.59 -4.95
N SER A 52 16.37 -6.64 -6.05
CA SER A 52 15.84 -6.29 -7.36
C SER A 52 14.65 -7.17 -7.71
N SER A 53 13.88 -6.76 -8.72
CA SER A 53 12.71 -7.51 -9.15
C SER A 53 12.94 -8.11 -10.53
N GLY A 54 13.19 -7.25 -11.51
CA GLY A 54 13.42 -7.71 -12.87
C GLY A 54 12.42 -7.13 -13.85
N GLY A 1 -21.74 -2.08 -3.56
CA GLY A 1 -22.44 -0.81 -3.57
C GLY A 1 -21.60 0.32 -3.01
N SER A 2 -20.61 0.76 -3.78
CA SER A 2 -19.73 1.85 -3.35
C SER A 2 -19.94 3.09 -4.21
N SER A 3 -20.15 4.23 -3.56
CA SER A 3 -20.35 5.49 -4.26
C SER A 3 -19.04 6.01 -4.86
N GLY A 4 -17.99 5.99 -4.04
CA GLY A 4 -16.70 6.46 -4.51
C GLY A 4 -16.18 7.62 -3.69
N SER A 5 -15.07 7.41 -2.98
CA SER A 5 -14.48 8.44 -2.15
C SER A 5 -12.95 8.45 -2.29
N SER A 6 -12.35 9.61 -2.08
CA SER A 6 -10.90 9.75 -2.19
C SER A 6 -10.22 9.36 -0.88
N GLY A 7 -9.43 8.29 -0.93
CA GLY A 7 -8.73 7.83 0.25
C GLY A 7 -8.06 6.48 0.04
N VAL A 8 -7.38 5.99 1.07
CA VAL A 8 -6.69 4.71 0.99
C VAL A 8 -7.61 3.56 1.40
N ASN A 9 -7.57 2.49 0.63
CA ASN A 9 -8.41 1.31 0.91
C ASN A 9 -8.00 0.68 2.24
N ARG A 10 -8.97 0.58 3.15
CA ARG A 10 -8.73 -0.01 4.46
C ARG A 10 -8.70 -1.53 4.37
N GLN A 11 -9.73 -2.11 3.78
CA GLN A 11 -9.82 -3.55 3.63
C GLN A 11 -8.53 -4.13 3.06
N MET A 12 -7.92 -3.40 2.14
CA MET A 12 -6.67 -3.83 1.52
C MET A 12 -5.49 -3.65 2.47
N LEU A 13 -5.58 -2.63 3.33
CA LEU A 13 -4.53 -2.36 4.29
C LEU A 13 -4.36 -3.52 5.27
N GLN A 14 -5.44 -3.91 5.92
CA GLN A 14 -5.42 -5.00 6.88
C GLN A 14 -4.84 -6.26 6.24
N GLU A 15 -4.85 -6.31 4.91
CA GLU A 15 -4.33 -7.45 4.19
C GLU A 15 -2.83 -7.31 3.94
N LEU A 16 -2.44 -6.18 3.36
CA LEU A 16 -1.04 -5.93 3.08
C LEU A 16 -0.21 -5.90 4.36
N VAL A 17 -0.82 -5.42 5.44
CA VAL A 17 -0.14 -5.37 6.74
C VAL A 17 0.09 -6.76 7.30
N ASN A 18 -0.87 -7.65 7.10
CA ASN A 18 -0.77 -9.01 7.59
C ASN A 18 0.53 -9.67 7.12
N ALA A 19 0.95 -9.33 5.91
CA ALA A 19 2.18 -9.88 5.34
C ALA A 19 3.39 -9.48 6.18
N GLY A 20 3.51 -8.19 6.48
CA GLY A 20 4.62 -7.71 7.27
C GLY A 20 5.05 -6.31 6.88
N CYS A 21 4.08 -5.42 6.77
CA CYS A 21 4.35 -4.03 6.39
C CYS A 21 3.83 -3.06 7.45
N ASP A 22 4.63 -2.04 7.75
CA ASP A 22 4.24 -1.05 8.75
C ASP A 22 2.92 -0.38 8.38
N GLN A 23 1.91 -0.60 9.21
CA GLN A 23 0.59 -0.02 8.97
C GLN A 23 0.70 1.43 8.54
N GLU A 24 1.58 2.17 9.22
CA GLU A 24 1.78 3.59 8.91
C GLU A 24 2.22 3.76 7.46
N MET A 25 3.45 3.33 7.17
CA MET A 25 3.99 3.44 5.81
C MET A 25 3.00 2.91 4.78
N ALA A 26 2.55 1.68 4.99
CA ALA A 26 1.60 1.05 4.08
C ALA A 26 0.57 2.06 3.57
N GLY A 27 -0.27 2.55 4.48
CA GLY A 27 -1.28 3.52 4.12
C GLY A 27 -0.82 4.47 3.02
N ARG A 28 0.35 5.06 3.22
CA ARG A 28 0.91 6.00 2.25
C ARG A 28 1.06 5.33 0.89
N ALA A 29 1.74 4.20 0.86
CA ALA A 29 1.95 3.47 -0.39
C ALA A 29 0.63 3.16 -1.07
N LEU A 30 -0.26 2.47 -0.36
CA LEU A 30 -1.56 2.11 -0.90
C LEU A 30 -2.11 3.23 -1.78
N LYS A 31 -1.97 4.47 -1.33
CA LYS A 31 -2.45 5.62 -2.07
C LYS A 31 -1.57 5.89 -3.29
N GLN A 32 -0.29 6.14 -3.05
CA GLN A 32 0.66 6.41 -4.13
C GLN A 32 0.44 5.45 -5.30
N THR A 33 0.41 4.16 -4.99
CA THR A 33 0.20 3.14 -6.01
C THR A 33 -1.09 3.38 -6.78
N GLY A 34 -2.16 3.70 -6.05
CA GLY A 34 -3.44 3.94 -6.68
C GLY A 34 -4.48 2.91 -6.30
N SER A 35 -4.46 2.49 -5.04
CA SER A 35 -5.41 1.48 -4.56
C SER A 35 -5.65 0.41 -5.62
N ARG A 36 -4.60 0.08 -6.36
CA ARG A 36 -4.70 -0.92 -7.41
C ARG A 36 -5.07 -2.29 -6.82
N SER A 37 -4.19 -2.81 -5.96
CA SER A 37 -4.42 -4.10 -5.33
C SER A 37 -3.46 -4.31 -4.16
N ILE A 38 -3.77 -5.29 -3.33
CA ILE A 38 -2.95 -5.60 -2.16
C ILE A 38 -1.49 -5.80 -2.56
N GLU A 39 -1.28 -6.27 -3.78
CA GLU A 39 0.07 -6.50 -4.29
C GLU A 39 0.76 -5.19 -4.63
N ALA A 40 0.18 -4.45 -5.58
CA ALA A 40 0.74 -3.17 -6.00
C ALA A 40 1.33 -2.41 -4.82
N ALA A 41 0.49 -2.13 -3.83
CA ALA A 41 0.93 -1.41 -2.64
C ALA A 41 2.29 -1.91 -2.16
N LEU A 42 2.38 -3.21 -1.88
CA LEU A 42 3.61 -3.81 -1.42
C LEU A 42 4.74 -3.59 -2.44
N GLU A 43 4.55 -4.13 -3.63
CA GLU A 43 5.55 -3.99 -4.69
C GLU A 43 6.22 -2.63 -4.64
N TYR A 44 5.41 -1.58 -4.77
CA TYR A 44 5.92 -0.21 -4.74
C TYR A 44 6.82 0.01 -3.53
N ILE A 45 6.27 -0.24 -2.34
CA ILE A 45 7.02 -0.06 -1.10
C ILE A 45 8.36 -0.80 -1.17
N SER A 46 8.30 -2.10 -1.41
CA SER A 46 9.51 -2.91 -1.50
C SER A 46 10.56 -2.24 -2.39
N LYS A 47 10.12 -1.78 -3.55
CA LYS A 47 11.01 -1.11 -4.50
C LYS A 47 11.76 0.03 -3.82
N MET A 48 11.01 0.95 -3.23
CA MET A 48 11.60 2.09 -2.54
C MET A 48 12.83 1.67 -1.75
N SER A 49 12.66 0.71 -0.86
CA SER A 49 13.76 0.21 -0.04
C SER A 49 13.45 -1.17 0.52
N GLY A 50 14.48 -2.00 0.63
CA GLY A 50 14.30 -3.35 1.14
C GLY A 50 15.14 -3.61 2.38
N PRO A 51 14.61 -4.43 3.30
CA PRO A 51 15.30 -4.79 4.54
C PRO A 51 16.51 -5.69 4.31
N SER A 52 17.69 -5.17 4.62
CA SER A 52 18.92 -5.93 4.44
C SER A 52 19.31 -6.67 5.72
N SER A 53 18.58 -7.73 6.03
CA SER A 53 18.84 -8.52 7.22
C SER A 53 18.43 -7.75 8.48
N GLY A 54 17.28 -7.08 8.42
CA GLY A 54 16.79 -6.32 9.55
C GLY A 54 15.49 -6.86 10.09
N GLY A 1 -16.76 15.92 0.31
CA GLY A 1 -17.57 14.73 0.08
C GLY A 1 -17.64 13.85 1.31
N SER A 2 -16.50 13.63 1.95
CA SER A 2 -16.44 12.79 3.15
C SER A 2 -15.89 13.57 4.33
N SER A 3 -16.75 13.79 5.33
CA SER A 3 -16.35 14.52 6.53
C SER A 3 -15.16 13.87 7.20
N GLY A 4 -14.16 14.67 7.55
CA GLY A 4 -12.97 14.14 8.20
C GLY A 4 -11.84 13.89 7.23
N SER A 5 -10.88 13.07 7.65
CA SER A 5 -9.73 12.75 6.81
C SER A 5 -9.62 11.24 6.58
N SER A 6 -9.86 10.82 5.34
CA SER A 6 -9.79 9.40 5.00
C SER A 6 -9.91 9.21 3.48
N GLY A 7 -9.42 8.07 3.01
CA GLY A 7 -9.49 7.78 1.58
C GLY A 7 -8.82 6.47 1.23
N VAL A 8 -7.63 6.24 1.79
CA VAL A 8 -6.89 5.01 1.53
C VAL A 8 -7.69 3.78 1.95
N ASN A 9 -7.72 2.78 1.08
CA ASN A 9 -8.45 1.55 1.37
C ASN A 9 -8.11 1.02 2.76
N ARG A 10 -9.14 0.78 3.56
CA ARG A 10 -8.95 0.28 4.92
C ARG A 10 -9.01 -1.25 4.95
N GLN A 11 -10.06 -1.81 4.34
CA GLN A 11 -10.22 -3.25 4.30
C GLN A 11 -9.02 -3.92 3.65
N MET A 12 -8.50 -3.31 2.59
CA MET A 12 -7.35 -3.84 1.89
C MET A 12 -6.08 -3.71 2.72
N LEU A 13 -6.07 -2.72 3.61
CA LEU A 13 -4.92 -2.47 4.47
C LEU A 13 -4.63 -3.69 5.35
N GLN A 14 -5.61 -4.07 6.17
CA GLN A 14 -5.46 -5.21 7.07
C GLN A 14 -4.90 -6.41 6.31
N GLU A 15 -5.04 -6.40 4.99
CA GLU A 15 -4.54 -7.49 4.16
C GLU A 15 -3.05 -7.33 3.89
N LEU A 16 -2.68 -6.21 3.28
CA LEU A 16 -1.29 -5.93 2.95
C LEU A 16 -0.43 -5.91 4.22
N VAL A 17 -0.97 -5.31 5.28
CA VAL A 17 -0.26 -5.22 6.55
C VAL A 17 0.04 -6.61 7.11
N ASN A 18 -0.91 -7.53 6.93
CA ASN A 18 -0.74 -8.89 7.42
C ASN A 18 0.54 -9.51 6.89
N ALA A 19 0.84 -9.25 5.61
CA ALA A 19 2.04 -9.77 4.98
C ALA A 19 3.29 -9.44 5.80
N GLY A 20 3.46 -8.16 6.11
CA GLY A 20 4.61 -7.74 6.90
C GLY A 20 5.02 -6.31 6.59
N CYS A 21 4.05 -5.39 6.64
CA CYS A 21 4.32 -3.99 6.38
C CYS A 21 3.86 -3.11 7.53
N ASP A 22 4.31 -1.87 7.55
CA ASP A 22 3.94 -0.93 8.60
C ASP A 22 2.58 -0.29 8.31
N GLN A 23 1.82 -0.04 9.37
CA GLN A 23 0.49 0.55 9.23
C GLN A 23 0.59 1.98 8.70
N GLU A 24 1.62 2.70 9.15
CA GLU A 24 1.82 4.08 8.71
C GLU A 24 2.38 4.13 7.29
N MET A 25 3.31 3.23 7.00
CA MET A 25 3.92 3.17 5.68
C MET A 25 2.93 2.68 4.64
N ALA A 26 2.25 1.56 4.94
CA ALA A 26 1.27 0.98 4.03
C ALA A 26 0.32 2.05 3.50
N GLY A 27 -0.49 2.60 4.40
CA GLY A 27 -1.44 3.63 4.00
C GLY A 27 -0.87 4.57 2.96
N ARG A 28 0.32 5.10 3.22
CA ARG A 28 0.97 6.03 2.30
C ARG A 28 1.03 5.44 0.90
N ALA A 29 1.63 4.27 0.77
CA ALA A 29 1.75 3.60 -0.52
C ALA A 29 0.38 3.35 -1.14
N LEU A 30 -0.50 2.71 -0.38
CA LEU A 30 -1.85 2.42 -0.85
C LEU A 30 -2.42 3.59 -1.64
N LYS A 31 -2.05 4.80 -1.25
CA LYS A 31 -2.51 6.01 -1.91
C LYS A 31 -1.64 6.34 -3.12
N GLN A 32 -0.37 6.63 -2.87
CA GLN A 32 0.57 6.96 -3.93
C GLN A 32 0.39 6.02 -5.12
N THR A 33 0.61 4.72 -4.89
CA THR A 33 0.49 3.73 -5.93
C THR A 33 -0.96 3.58 -6.37
N GLY A 34 -1.84 3.29 -5.42
CA GLY A 34 -3.25 3.12 -5.74
C GLY A 34 -3.82 1.82 -5.20
N SER A 35 -5.04 1.88 -4.69
CA SER A 35 -5.69 0.69 -4.14
C SER A 35 -6.23 -0.20 -5.26
N ARG A 36 -5.37 -0.50 -6.22
CA ARG A 36 -5.75 -1.35 -7.35
C ARG A 36 -5.51 -2.82 -7.04
N SER A 37 -4.35 -3.12 -6.46
CA SER A 37 -3.99 -4.48 -6.11
C SER A 37 -3.00 -4.51 -4.96
N ILE A 38 -3.35 -5.20 -3.88
CA ILE A 38 -2.48 -5.30 -2.72
C ILE A 38 -1.03 -5.47 -3.13
N GLU A 39 -0.79 -6.26 -4.17
CA GLU A 39 0.56 -6.50 -4.66
C GLU A 39 1.25 -5.18 -5.00
N ALA A 40 0.53 -4.30 -5.69
CA ALA A 40 1.07 -3.00 -6.08
C ALA A 40 1.70 -2.29 -4.88
N ALA A 41 0.96 -2.23 -3.78
CA ALA A 41 1.44 -1.58 -2.57
C ALA A 41 2.81 -2.11 -2.17
N LEU A 42 2.86 -3.40 -1.82
CA LEU A 42 4.11 -4.03 -1.41
C LEU A 42 5.19 -3.83 -2.47
N GLU A 43 4.91 -4.26 -3.69
CA GLU A 43 5.86 -4.13 -4.79
C GLU A 43 6.57 -2.79 -4.72
N TYR A 44 5.80 -1.71 -4.66
CA TYR A 44 6.37 -0.36 -4.60
C TYR A 44 7.29 -0.22 -3.39
N ILE A 45 6.84 -0.71 -2.24
CA ILE A 45 7.62 -0.64 -1.02
C ILE A 45 8.99 -1.28 -1.21
N SER A 46 9.00 -2.50 -1.73
CA SER A 46 10.24 -3.22 -1.96
C SER A 46 11.18 -2.43 -2.87
N LYS A 47 10.65 -1.97 -3.98
CA LYS A 47 11.43 -1.20 -4.94
C LYS A 47 12.31 -0.17 -4.22
N MET A 48 11.69 0.64 -3.38
CA MET A 48 12.41 1.67 -2.63
C MET A 48 13.65 1.08 -1.98
N SER A 49 13.48 -0.04 -1.27
CA SER A 49 14.59 -0.70 -0.60
C SER A 49 15.57 -1.29 -1.61
N GLY A 50 16.68 -1.83 -1.10
CA GLY A 50 17.67 -2.43 -1.97
C GLY A 50 18.28 -3.69 -1.40
N PRO A 51 18.78 -4.56 -2.27
CA PRO A 51 19.41 -5.83 -1.87
C PRO A 51 20.73 -5.62 -1.15
N SER A 52 20.72 -5.84 0.17
CA SER A 52 21.93 -5.67 0.97
C SER A 52 22.69 -6.99 1.09
N SER A 53 24.01 -6.92 1.01
CA SER A 53 24.85 -8.10 1.11
C SER A 53 24.33 -9.06 2.17
N GLY A 54 24.66 -10.34 2.01
CA GLY A 54 24.20 -11.34 2.97
C GLY A 54 25.21 -12.46 3.14
N GLY A 1 -25.32 1.00 1.84
CA GLY A 1 -24.50 2.15 2.15
C GLY A 1 -24.86 3.37 1.32
N SER A 2 -24.75 3.25 0.01
CA SER A 2 -25.06 4.35 -0.89
C SER A 2 -24.24 5.59 -0.54
N SER A 3 -22.96 5.39 -0.28
CA SER A 3 -22.07 6.50 0.07
C SER A 3 -20.80 6.46 -0.77
N GLY A 4 -20.03 7.53 -0.71
CA GLY A 4 -18.79 7.60 -1.47
C GLY A 4 -17.56 7.63 -0.59
N SER A 5 -17.03 6.46 -0.28
CA SER A 5 -15.84 6.36 0.57
C SER A 5 -14.72 7.24 0.04
N SER A 6 -13.95 7.81 0.97
CA SER A 6 -12.83 8.69 0.59
C SER A 6 -11.61 8.39 1.44
N GLY A 7 -10.47 8.17 0.79
CA GLY A 7 -9.24 7.88 1.50
C GLY A 7 -8.63 6.55 1.10
N VAL A 8 -7.50 6.21 1.71
CA VAL A 8 -6.82 4.96 1.41
C VAL A 8 -7.70 3.76 1.77
N ASN A 9 -7.61 2.70 0.97
CA ASN A 9 -8.39 1.49 1.20
C ASN A 9 -8.00 0.84 2.53
N ARG A 10 -8.97 0.66 3.40
CA ARG A 10 -8.73 0.04 4.70
C ARG A 10 -8.61 -1.47 4.58
N GLN A 11 -9.61 -2.08 3.94
CA GLN A 11 -9.62 -3.53 3.76
C GLN A 11 -8.30 -4.01 3.18
N MET A 12 -7.79 -3.30 2.18
CA MET A 12 -6.54 -3.65 1.54
C MET A 12 -5.37 -3.49 2.50
N LEU A 13 -5.50 -2.56 3.43
CA LEU A 13 -4.45 -2.30 4.42
C LEU A 13 -4.40 -3.42 5.46
N GLN A 14 -5.55 -3.74 6.04
CA GLN A 14 -5.64 -4.79 7.04
C GLN A 14 -5.08 -6.10 6.51
N GLU A 15 -5.02 -6.22 5.18
CA GLU A 15 -4.50 -7.42 4.55
C GLU A 15 -3.00 -7.32 4.33
N LEU A 16 -2.59 -6.29 3.59
CA LEU A 16 -1.17 -6.07 3.30
C LEU A 16 -0.37 -5.92 4.59
N VAL A 17 -1.02 -5.40 5.63
CA VAL A 17 -0.37 -5.20 6.92
C VAL A 17 -0.15 -6.53 7.64
N ASN A 18 -1.13 -7.42 7.55
CA ASN A 18 -1.05 -8.73 8.18
C ASN A 18 0.23 -9.46 7.75
N ALA A 19 0.51 -9.42 6.46
CA ALA A 19 1.70 -10.08 5.92
C ALA A 19 2.95 -9.67 6.69
N GLY A 20 3.02 -8.39 7.06
CA GLY A 20 4.16 -7.89 7.80
C GLY A 20 4.63 -6.55 7.30
N CYS A 21 3.69 -5.73 6.82
CA CYS A 21 4.01 -4.40 6.31
C CYS A 21 3.57 -3.32 7.29
N ASP A 22 4.48 -2.41 7.60
CA ASP A 22 4.20 -1.33 8.53
C ASP A 22 2.77 -0.81 8.34
N GLN A 23 2.21 -0.23 9.39
CA GLN A 23 0.85 0.30 9.33
C GLN A 23 0.84 1.72 8.79
N GLU A 24 1.34 2.66 9.58
CA GLU A 24 1.38 4.05 9.18
C GLU A 24 2.02 4.20 7.80
N MET A 25 2.97 3.32 7.49
CA MET A 25 3.66 3.36 6.21
C MET A 25 2.76 2.78 5.10
N ALA A 26 2.37 1.52 5.26
CA ALA A 26 1.51 0.86 4.29
C ALA A 26 0.51 1.83 3.68
N GLY A 27 -0.34 2.40 4.53
CA GLY A 27 -1.34 3.33 4.07
C GLY A 27 -0.83 4.23 2.96
N ARG A 28 0.30 4.91 3.22
CA ARG A 28 0.89 5.80 2.25
C ARG A 28 1.03 5.11 0.89
N ALA A 29 1.69 3.96 0.88
CA ALA A 29 1.89 3.20 -0.35
C ALA A 29 0.56 2.84 -1.00
N LEU A 30 -0.38 2.39 -0.19
CA LEU A 30 -1.70 2.02 -0.67
C LEU A 30 -2.28 3.11 -1.56
N LYS A 31 -1.93 4.35 -1.27
CA LYS A 31 -2.42 5.49 -2.04
C LYS A 31 -1.47 5.81 -3.19
N GLN A 32 -0.17 5.76 -2.92
CA GLN A 32 0.84 6.03 -3.93
C GLN A 32 0.51 5.32 -5.24
N THR A 33 0.38 4.00 -5.16
CA THR A 33 0.08 3.19 -6.34
C THR A 33 -1.32 3.51 -6.87
N GLY A 34 -2.26 3.71 -5.96
CA GLY A 34 -3.62 4.03 -6.37
C GLY A 34 -4.60 2.93 -6.00
N SER A 35 -4.75 2.69 -4.70
CA SER A 35 -5.65 1.65 -4.22
C SER A 35 -5.67 0.45 -5.17
N ARG A 36 -4.52 0.17 -5.78
CA ARG A 36 -4.41 -0.94 -6.72
C ARG A 36 -4.24 -2.26 -5.97
N SER A 37 -4.29 -3.36 -6.71
CA SER A 37 -4.14 -4.69 -6.13
C SER A 37 -3.12 -4.68 -5.00
N ILE A 38 -3.41 -5.41 -3.93
CA ILE A 38 -2.51 -5.48 -2.78
C ILE A 38 -1.07 -5.70 -3.24
N GLU A 39 -0.91 -6.28 -4.42
CA GLU A 39 0.42 -6.55 -4.96
C GLU A 39 1.11 -5.25 -5.38
N ALA A 40 0.40 -4.45 -6.16
CA ALA A 40 0.94 -3.17 -6.63
C ALA A 40 1.46 -2.34 -5.47
N ALA A 41 0.68 -2.27 -4.40
CA ALA A 41 1.05 -1.49 -3.22
C ALA A 41 2.44 -1.90 -2.73
N LEU A 42 2.59 -3.17 -2.38
CA LEU A 42 3.88 -3.69 -1.89
C LEU A 42 4.98 -3.46 -2.91
N GLU A 43 4.75 -3.90 -4.14
CA GLU A 43 5.72 -3.75 -5.21
C GLU A 43 6.36 -2.36 -5.17
N TYR A 44 5.52 -1.33 -4.99
CA TYR A 44 6.01 0.04 -4.94
C TYR A 44 6.97 0.23 -3.77
N ILE A 45 6.53 -0.13 -2.57
CA ILE A 45 7.35 -0.01 -1.37
C ILE A 45 8.75 -0.57 -1.61
N SER A 46 8.82 -1.82 -2.05
CA SER A 46 10.10 -2.47 -2.31
C SER A 46 10.94 -1.66 -3.29
N LYS A 47 10.27 -1.14 -4.32
CA LYS A 47 10.96 -0.34 -5.34
C LYS A 47 11.78 0.77 -4.68
N MET A 48 11.16 1.49 -3.75
CA MET A 48 11.83 2.57 -3.05
C MET A 48 13.18 2.12 -2.51
N SER A 49 13.16 1.12 -1.64
CA SER A 49 14.39 0.60 -1.05
C SER A 49 14.95 -0.56 -1.88
N GLY A 50 16.02 -0.29 -2.61
CA GLY A 50 16.64 -1.31 -3.44
C GLY A 50 17.45 -2.30 -2.64
N PRO A 51 17.48 -3.56 -3.09
CA PRO A 51 18.23 -4.62 -2.41
C PRO A 51 19.73 -4.44 -2.53
N SER A 52 20.46 -4.91 -1.53
CA SER A 52 21.92 -4.80 -1.52
C SER A 52 22.57 -6.18 -1.45
N SER A 53 22.56 -6.89 -2.59
CA SER A 53 23.15 -8.22 -2.65
C SER A 53 24.67 -8.14 -2.69
N GLY A 54 25.32 -9.18 -2.16
CA GLY A 54 26.77 -9.20 -2.15
C GLY A 54 27.35 -8.91 -0.79
N GLY A 1 -19.84 -1.02 -2.19
CA GLY A 1 -19.73 -0.40 -0.89
C GLY A 1 -20.50 0.89 -0.77
N SER A 2 -19.79 1.99 -0.51
CA SER A 2 -20.43 3.29 -0.38
C SER A 2 -20.06 4.19 -1.54
N SER A 3 -20.85 5.26 -1.73
CA SER A 3 -20.62 6.20 -2.82
C SER A 3 -19.57 7.23 -2.42
N GLY A 4 -18.74 7.62 -3.39
CA GLY A 4 -17.70 8.60 -3.13
C GLY A 4 -16.34 7.97 -2.95
N SER A 5 -15.31 8.80 -2.87
CA SER A 5 -13.94 8.31 -2.70
C SER A 5 -13.32 8.83 -1.41
N SER A 6 -13.36 8.02 -0.36
CA SER A 6 -12.82 8.40 0.93
C SER A 6 -11.42 7.82 1.13
N GLY A 7 -10.43 8.46 0.54
CA GLY A 7 -9.06 7.99 0.67
C GLY A 7 -8.91 6.55 0.25
N VAL A 8 -7.73 5.98 0.48
CA VAL A 8 -7.46 4.59 0.13
C VAL A 8 -8.49 3.65 0.75
N ASN A 9 -8.31 2.36 0.53
CA ASN A 9 -9.23 1.36 1.07
C ASN A 9 -8.86 0.99 2.50
N ARG A 10 -9.84 0.52 3.25
CA ARG A 10 -9.62 0.13 4.64
C ARG A 10 -9.29 -1.35 4.75
N GLN A 11 -10.11 -2.18 4.11
CA GLN A 11 -9.91 -3.62 4.13
C GLN A 11 -8.52 -3.99 3.61
N MET A 12 -8.28 -3.69 2.33
CA MET A 12 -6.99 -3.98 1.71
C MET A 12 -5.85 -3.79 2.70
N LEU A 13 -5.90 -2.69 3.45
CA LEU A 13 -4.87 -2.38 4.43
C LEU A 13 -4.64 -3.57 5.36
N GLN A 14 -5.73 -4.05 5.96
CA GLN A 14 -5.65 -5.19 6.87
C GLN A 14 -4.87 -6.35 6.24
N GLU A 15 -4.93 -6.43 4.91
CA GLU A 15 -4.25 -7.50 4.18
C GLU A 15 -2.77 -7.17 4.01
N LEU A 16 -2.49 -6.10 3.27
CA LEU A 16 -1.12 -5.67 3.03
C LEU A 16 -0.34 -5.55 4.34
N VAL A 17 -1.04 -5.16 5.40
CA VAL A 17 -0.43 -5.00 6.71
C VAL A 17 -0.20 -6.36 7.38
N ASN A 18 -1.08 -7.30 7.08
CA ASN A 18 -0.98 -8.64 7.65
C ASN A 18 0.22 -9.40 7.06
N ALA A 19 0.48 -9.17 5.78
CA ALA A 19 1.60 -9.82 5.10
C ALA A 19 2.91 -9.53 5.82
N GLY A 20 3.07 -8.30 6.30
CA GLY A 20 4.28 -7.92 6.99
C GLY A 20 4.75 -6.53 6.62
N CYS A 21 3.80 -5.63 6.38
CA CYS A 21 4.12 -4.25 6.02
C CYS A 21 3.59 -3.28 7.06
N ASP A 22 4.45 -2.39 7.53
CA ASP A 22 4.08 -1.40 8.53
C ASP A 22 2.71 -0.79 8.22
N GLN A 23 2.12 -0.12 9.20
CA GLN A 23 0.81 0.49 9.03
C GLN A 23 0.96 1.90 8.44
N GLU A 24 1.90 2.67 8.97
CA GLU A 24 2.13 4.02 8.52
C GLU A 24 2.56 4.03 7.05
N MET A 25 3.67 3.37 6.75
CA MET A 25 4.19 3.30 5.39
C MET A 25 3.15 2.69 4.44
N ALA A 26 2.30 1.83 4.99
CA ALA A 26 1.26 1.18 4.19
C ALA A 26 0.39 2.21 3.49
N GLY A 27 -0.45 2.90 4.27
CA GLY A 27 -1.32 3.91 3.71
C GLY A 27 -0.64 4.74 2.64
N ARG A 28 0.52 5.28 2.97
CA ARG A 28 1.27 6.11 2.03
C ARG A 28 1.22 5.53 0.62
N ALA A 29 1.73 4.30 0.48
CA ALA A 29 1.73 3.63 -0.81
C ALA A 29 0.32 3.46 -1.35
N LEU A 30 -0.52 2.80 -0.57
CA LEU A 30 -1.91 2.56 -0.98
C LEU A 30 -2.49 3.79 -1.68
N LYS A 31 -2.15 4.97 -1.17
CA LYS A 31 -2.63 6.21 -1.75
C LYS A 31 -1.82 6.58 -3.00
N GLN A 32 -0.53 6.81 -2.81
CA GLN A 32 0.35 7.18 -3.92
C GLN A 32 0.15 6.23 -5.10
N THR A 33 0.42 4.95 -4.87
CA THR A 33 0.28 3.95 -5.92
C THR A 33 -1.19 3.68 -6.22
N GLY A 34 -2.05 3.84 -5.22
CA GLY A 34 -3.46 3.62 -5.40
C GLY A 34 -3.94 2.35 -4.72
N SER A 35 -5.24 2.27 -4.47
CA SER A 35 -5.83 1.10 -3.82
C SER A 35 -5.94 -0.07 -4.80
N ARG A 36 -4.83 -0.39 -5.45
CA ARG A 36 -4.80 -1.48 -6.42
C ARG A 36 -4.43 -2.80 -5.73
N SER A 37 -4.40 -3.87 -6.51
CA SER A 37 -4.07 -5.19 -5.98
C SER A 37 -3.00 -5.08 -4.90
N ILE A 38 -3.31 -5.64 -3.73
CA ILE A 38 -2.38 -5.60 -2.60
C ILE A 38 -0.94 -5.80 -3.06
N GLU A 39 -0.79 -6.51 -4.17
CA GLU A 39 0.54 -6.78 -4.73
C GLU A 39 1.26 -5.47 -5.06
N ALA A 40 0.55 -4.58 -5.75
CA ALA A 40 1.13 -3.29 -6.14
C ALA A 40 1.86 -2.65 -4.97
N ALA A 41 1.13 -2.33 -3.91
CA ALA A 41 1.71 -1.71 -2.74
C ALA A 41 2.97 -2.44 -2.29
N LEU A 42 2.89 -3.77 -2.22
CA LEU A 42 4.02 -4.59 -1.83
C LEU A 42 5.24 -4.31 -2.70
N GLU A 43 5.00 -4.22 -4.01
CA GLU A 43 6.08 -3.95 -4.96
C GLU A 43 6.67 -2.57 -4.74
N TYR A 44 5.81 -1.57 -4.65
CA TYR A 44 6.25 -0.19 -4.44
C TYR A 44 7.05 -0.07 -3.15
N ILE A 45 6.45 -0.52 -2.05
CA ILE A 45 7.11 -0.46 -0.74
C ILE A 45 8.51 -1.07 -0.80
N SER A 46 8.63 -2.19 -1.51
CA SER A 46 9.92 -2.87 -1.64
C SER A 46 10.93 -1.96 -2.34
N LYS A 47 10.51 -1.30 -3.41
CA LYS A 47 11.38 -0.41 -4.15
C LYS A 47 12.16 0.50 -3.22
N MET A 48 11.46 1.06 -2.22
CA MET A 48 12.10 1.95 -1.25
C MET A 48 13.35 1.30 -0.66
N SER A 49 13.19 0.08 -0.15
CA SER A 49 14.31 -0.63 0.46
C SER A 49 15.15 -1.33 -0.61
N GLY A 50 16.46 -1.18 -0.50
CA GLY A 50 17.35 -1.80 -1.46
C GLY A 50 17.21 -3.31 -1.50
N PRO A 51 17.39 -3.89 -2.70
CA PRO A 51 17.29 -5.33 -2.89
C PRO A 51 18.44 -6.10 -2.24
N SER A 52 18.11 -6.92 -1.25
CA SER A 52 19.10 -7.70 -0.54
C SER A 52 18.45 -8.66 0.45
N SER A 53 19.12 -9.79 0.70
CA SER A 53 18.60 -10.80 1.62
C SER A 53 17.92 -10.14 2.82
N GLY A 54 18.61 -9.21 3.45
CA GLY A 54 18.06 -8.52 4.60
C GLY A 54 17.28 -7.27 4.22
N GLY A 1 -20.11 -3.17 -9.45
CA GLY A 1 -20.17 -1.78 -9.87
C GLY A 1 -19.54 -0.84 -8.85
N SER A 2 -18.36 -0.31 -9.18
CA SER A 2 -17.66 0.59 -8.30
C SER A 2 -17.85 2.04 -8.73
N SER A 3 -18.78 2.73 -8.08
CA SER A 3 -19.08 4.12 -8.40
C SER A 3 -17.80 4.96 -8.36
N GLY A 4 -17.02 4.80 -7.29
CA GLY A 4 -15.79 5.55 -7.15
C GLY A 4 -14.93 5.04 -6.01
N SER A 5 -14.32 5.96 -5.27
CA SER A 5 -13.47 5.61 -4.15
C SER A 5 -13.33 6.77 -3.17
N SER A 6 -13.12 6.45 -1.90
CA SER A 6 -12.97 7.46 -0.86
C SER A 6 -11.80 7.14 0.06
N GLY A 7 -10.79 8.01 0.04
CA GLY A 7 -9.62 7.81 0.87
C GLY A 7 -8.76 6.64 0.39
N VAL A 8 -8.25 5.87 1.34
CA VAL A 8 -7.40 4.72 1.01
C VAL A 8 -8.07 3.42 1.45
N ASN A 9 -8.31 2.54 0.48
CA ASN A 9 -8.94 1.25 0.77
C ASN A 9 -8.40 0.66 2.06
N ARG A 10 -9.26 0.58 3.07
CA ARG A 10 -8.88 0.03 4.36
C ARG A 10 -8.83 -1.49 4.32
N GLN A 11 -9.77 -2.08 3.59
CA GLN A 11 -9.84 -3.53 3.47
C GLN A 11 -8.54 -4.10 2.89
N MET A 12 -7.96 -3.37 1.95
CA MET A 12 -6.71 -3.80 1.32
C MET A 12 -5.52 -3.54 2.25
N LEU A 13 -5.66 -2.55 3.12
CA LEU A 13 -4.60 -2.21 4.06
C LEU A 13 -4.37 -3.34 5.06
N GLN A 14 -5.45 -3.77 5.71
CA GLN A 14 -5.36 -4.85 6.69
C GLN A 14 -4.67 -6.07 6.09
N GLU A 15 -4.81 -6.24 4.78
CA GLU A 15 -4.21 -7.38 4.09
C GLU A 15 -2.71 -7.15 3.87
N LEU A 16 -2.39 -6.02 3.25
CA LEU A 16 -1.00 -5.67 2.97
C LEU A 16 -0.19 -5.60 4.27
N VAL A 17 -0.81 -5.11 5.33
CA VAL A 17 -0.14 -4.99 6.62
C VAL A 17 -0.01 -6.35 7.29
N ASN A 18 -0.94 -7.25 6.99
CA ASN A 18 -0.93 -8.59 7.57
C ASN A 18 0.19 -9.43 6.96
N ALA A 19 0.66 -9.02 5.79
CA ALA A 19 1.73 -9.74 5.11
C ALA A 19 3.06 -9.55 5.82
N GLY A 20 3.42 -8.28 6.07
CA GLY A 20 4.66 -8.00 6.75
C GLY A 20 5.07 -6.54 6.59
N CYS A 21 4.10 -5.64 6.61
CA CYS A 21 4.36 -4.22 6.47
C CYS A 21 3.85 -3.45 7.68
N ASP A 22 4.14 -2.15 7.71
CA ASP A 22 3.70 -1.30 8.81
C ASP A 22 2.33 -0.70 8.53
N GLN A 23 1.82 0.08 9.47
CA GLN A 23 0.52 0.72 9.31
C GLN A 23 0.66 2.10 8.69
N GLU A 24 1.40 2.97 9.34
CA GLU A 24 1.61 4.33 8.84
C GLU A 24 2.11 4.31 7.39
N MET A 25 3.18 3.56 7.15
CA MET A 25 3.75 3.45 5.81
C MET A 25 2.73 2.88 4.83
N ALA A 26 2.29 1.64 5.08
CA ALA A 26 1.32 0.99 4.22
C ALA A 26 0.30 1.98 3.69
N GLY A 27 -0.43 2.63 4.60
CA GLY A 27 -1.42 3.60 4.20
C GLY A 27 -0.96 4.48 3.05
N ARG A 28 0.20 5.10 3.23
CA ARG A 28 0.77 5.98 2.21
C ARG A 28 0.77 5.29 0.85
N ALA A 29 1.62 4.27 0.71
CA ALA A 29 1.72 3.53 -0.54
C ALA A 29 0.36 3.37 -1.19
N LEU A 30 -0.56 2.70 -0.50
CA LEU A 30 -1.90 2.47 -1.02
C LEU A 30 -2.44 3.72 -1.70
N LYS A 31 -2.19 4.88 -1.09
CA LYS A 31 -2.64 6.15 -1.64
C LYS A 31 -1.77 6.58 -2.81
N GLN A 32 -0.47 6.72 -2.56
CA GLN A 32 0.47 7.13 -3.59
C GLN A 32 0.23 6.36 -4.89
N THR A 33 0.23 5.03 -4.80
CA THR A 33 0.02 4.17 -5.95
C THR A 33 -1.47 4.10 -6.31
N GLY A 34 -2.32 4.14 -5.28
CA GLY A 34 -3.75 4.07 -5.51
C GLY A 34 -4.32 2.70 -5.23
N SER A 35 -5.48 2.66 -4.57
CA SER A 35 -6.12 1.40 -4.23
C SER A 35 -5.89 0.36 -5.33
N ARG A 36 -4.86 -0.46 -5.15
CA ARG A 36 -4.53 -1.49 -6.12
C ARG A 36 -4.26 -2.82 -5.43
N SER A 37 -4.36 -3.91 -6.19
CA SER A 37 -4.13 -5.24 -5.65
C SER A 37 -3.03 -5.21 -4.58
N ILE A 38 -3.33 -5.76 -3.41
CA ILE A 38 -2.38 -5.80 -2.31
C ILE A 38 -0.95 -5.97 -2.83
N GLU A 39 -0.82 -6.71 -3.92
CA GLU A 39 0.50 -6.94 -4.52
C GLU A 39 1.18 -5.63 -4.87
N ALA A 40 0.46 -4.76 -5.56
CA ALA A 40 1.00 -3.46 -5.96
C ALA A 40 1.73 -2.80 -4.81
N ALA A 41 0.97 -2.44 -3.77
CA ALA A 41 1.55 -1.78 -2.60
C ALA A 41 2.81 -2.52 -2.12
N LEU A 42 2.73 -3.84 -2.09
CA LEU A 42 3.86 -4.66 -1.65
C LEU A 42 5.03 -4.55 -2.64
N GLU A 43 4.71 -4.20 -3.89
CA GLU A 43 5.72 -4.06 -4.92
C GLU A 43 6.40 -2.69 -4.83
N TYR A 44 5.59 -1.64 -4.78
CA TYR A 44 6.11 -0.28 -4.70
C TYR A 44 7.16 -0.16 -3.59
N ILE A 45 6.85 -0.74 -2.43
CA ILE A 45 7.76 -0.70 -1.30
C ILE A 45 9.08 -1.40 -1.62
N SER A 46 8.99 -2.63 -2.10
CA SER A 46 10.17 -3.41 -2.46
C SER A 46 11.05 -2.63 -3.43
N LYS A 47 10.46 -2.16 -4.51
CA LYS A 47 11.19 -1.40 -5.52
C LYS A 47 12.06 -0.33 -4.88
N MET A 48 11.47 0.45 -3.98
CA MET A 48 12.20 1.50 -3.29
C MET A 48 13.47 0.95 -2.65
N SER A 49 13.32 -0.05 -1.80
CA SER A 49 14.46 -0.66 -1.12
C SER A 49 15.47 -1.18 -2.13
N GLY A 50 15.04 -2.12 -2.96
CA GLY A 50 15.92 -2.69 -3.96
C GLY A 50 16.75 -1.63 -4.67
N PRO A 51 17.99 -1.99 -5.04
CA PRO A 51 18.91 -1.08 -5.73
C PRO A 51 18.47 -0.79 -7.16
N SER A 52 19.25 0.02 -7.86
CA SER A 52 18.94 0.39 -9.24
C SER A 52 19.20 -0.78 -10.18
N SER A 53 18.41 -0.86 -11.25
CA SER A 53 18.55 -1.93 -12.23
C SER A 53 18.10 -1.47 -13.61
N GLY A 54 18.40 -2.27 -14.63
CA GLY A 54 18.01 -1.94 -15.98
C GLY A 54 18.25 -0.47 -16.30
N GLY A 1 -17.61 6.14 -6.50
CA GLY A 1 -17.18 7.18 -7.41
C GLY A 1 -16.21 6.68 -8.46
N SER A 2 -16.66 5.73 -9.27
CA SER A 2 -15.82 5.16 -10.32
C SER A 2 -15.52 6.19 -11.40
N SER A 3 -14.51 5.91 -12.21
CA SER A 3 -14.12 6.82 -13.29
C SER A 3 -13.83 8.22 -12.74
N GLY A 4 -13.14 8.26 -11.61
CA GLY A 4 -12.81 9.54 -11.00
C GLY A 4 -11.89 9.39 -9.80
N SER A 5 -12.45 9.48 -8.60
CA SER A 5 -11.67 9.36 -7.37
C SER A 5 -11.73 7.94 -6.83
N SER A 6 -10.57 7.30 -6.71
CA SER A 6 -10.49 5.94 -6.21
C SER A 6 -10.30 5.93 -4.69
N GLY A 7 -9.28 6.64 -4.22
CA GLY A 7 -9.01 6.71 -2.80
C GLY A 7 -8.34 5.44 -2.28
N VAL A 8 -7.79 5.53 -1.07
CA VAL A 8 -7.12 4.39 -0.46
C VAL A 8 -8.11 3.47 0.24
N ASN A 9 -7.98 2.17 0.00
CA ASN A 9 -8.87 1.19 0.62
C ASN A 9 -8.50 0.96 2.08
N ARG A 10 -9.52 0.79 2.92
CA ARG A 10 -9.30 0.56 4.34
C ARG A 10 -9.24 -0.93 4.65
N GLN A 11 -10.09 -1.70 3.99
CA GLN A 11 -10.14 -3.14 4.19
C GLN A 11 -8.85 -3.80 3.72
N MET A 12 -8.51 -3.60 2.45
CA MET A 12 -7.29 -4.17 1.89
C MET A 12 -6.10 -3.91 2.78
N LEU A 13 -6.13 -2.78 3.50
CA LEU A 13 -5.05 -2.42 4.39
C LEU A 13 -4.76 -3.54 5.40
N GLN A 14 -5.79 -3.93 6.14
CA GLN A 14 -5.66 -4.99 7.13
C GLN A 14 -4.98 -6.22 6.53
N GLU A 15 -5.14 -6.39 5.22
CA GLU A 15 -4.54 -7.53 4.53
C GLU A 15 -3.07 -7.27 4.23
N LEU A 16 -2.80 -6.20 3.49
CA LEU A 16 -1.43 -5.84 3.13
C LEU A 16 -0.56 -5.73 4.38
N VAL A 17 -1.15 -5.26 5.48
CA VAL A 17 -0.44 -5.11 6.73
C VAL A 17 -0.21 -6.45 7.41
N ASN A 18 -1.17 -7.35 7.25
CA ASN A 18 -1.09 -8.68 7.85
C ASN A 18 0.06 -9.48 7.22
N ALA A 19 0.22 -9.33 5.91
CA ALA A 19 1.26 -10.04 5.18
C ALA A 19 2.63 -9.82 5.83
N GLY A 20 2.95 -8.55 6.08
CA GLY A 20 4.22 -8.22 6.70
C GLY A 20 4.64 -6.79 6.41
N CYS A 21 3.70 -5.86 6.51
CA CYS A 21 3.97 -4.45 6.26
C CYS A 21 3.65 -3.61 7.49
N ASP A 22 4.05 -2.35 7.45
CA ASP A 22 3.81 -1.43 8.57
C ASP A 22 2.43 -0.80 8.47
N GLN A 23 2.03 -0.07 9.51
CA GLN A 23 0.74 0.58 9.54
C GLN A 23 0.82 1.98 8.92
N GLU A 24 1.87 2.71 9.27
CA GLU A 24 2.06 4.06 8.76
C GLU A 24 2.55 4.03 7.31
N MET A 25 3.52 3.16 7.04
CA MET A 25 4.09 3.04 5.70
C MET A 25 3.05 2.45 4.75
N ALA A 26 2.41 1.36 5.14
CA ALA A 26 1.40 0.71 4.32
C ALA A 26 0.59 1.74 3.55
N GLY A 27 -0.11 2.60 4.28
CA GLY A 27 -0.92 3.63 3.64
C GLY A 27 -0.18 4.36 2.55
N ARG A 28 1.02 4.85 2.87
CA ARG A 28 1.83 5.58 1.90
C ARG A 28 1.73 4.94 0.52
N ALA A 29 2.11 3.67 0.44
CA ALA A 29 2.08 2.94 -0.82
C ALA A 29 0.68 2.95 -1.41
N LEU A 30 -0.27 2.36 -0.70
CA LEU A 30 -1.66 2.30 -1.16
C LEU A 30 -2.05 3.60 -1.85
N LYS A 31 -1.77 4.72 -1.20
CA LYS A 31 -2.10 6.03 -1.76
C LYS A 31 -1.27 6.30 -3.01
N GLN A 32 0.05 6.17 -2.90
CA GLN A 32 0.94 6.40 -4.02
C GLN A 32 0.51 5.57 -5.24
N THR A 33 0.55 4.25 -5.08
CA THR A 33 0.18 3.36 -6.16
C THR A 33 -1.32 3.45 -6.47
N GLY A 34 -2.15 3.19 -5.46
CA GLY A 34 -3.58 3.25 -5.64
C GLY A 34 -4.26 1.93 -5.35
N SER A 35 -5.46 1.99 -4.77
CA SER A 35 -6.21 0.79 -4.44
C SER A 35 -6.38 -0.11 -5.67
N ARG A 36 -5.45 -1.02 -5.86
CA ARG A 36 -5.50 -1.93 -6.99
C ARG A 36 -5.32 -3.38 -6.54
N SER A 37 -4.28 -3.62 -5.76
CA SER A 37 -3.98 -4.96 -5.26
C SER A 37 -2.88 -4.92 -4.20
N ILE A 38 -2.96 -5.82 -3.24
CA ILE A 38 -1.96 -5.89 -2.17
C ILE A 38 -0.55 -5.85 -2.74
N GLU A 39 -0.41 -6.23 -4.00
CA GLU A 39 0.89 -6.24 -4.66
C GLU A 39 1.34 -4.82 -4.99
N ALA A 40 0.48 -4.07 -5.67
CA ALA A 40 0.78 -2.70 -6.04
C ALA A 40 1.45 -1.96 -4.89
N ALA A 41 0.79 -1.93 -3.74
CA ALA A 41 1.33 -1.25 -2.57
C ALA A 41 2.76 -1.70 -2.28
N LEU A 42 2.95 -2.99 -2.13
CA LEU A 42 4.27 -3.54 -1.85
C LEU A 42 5.28 -3.11 -2.91
N GLU A 43 4.98 -3.42 -4.17
CA GLU A 43 5.86 -3.05 -5.26
C GLU A 43 6.50 -1.70 -5.02
N TYR A 44 5.69 -0.71 -4.65
CA TYR A 44 6.18 0.63 -4.38
C TYR A 44 7.20 0.63 -3.25
N ILE A 45 6.78 0.15 -2.08
CA ILE A 45 7.64 0.08 -0.91
C ILE A 45 8.97 -0.60 -1.25
N SER A 46 8.89 -1.69 -2.00
CA SER A 46 10.08 -2.44 -2.39
C SER A 46 10.95 -1.62 -3.35
N LYS A 47 10.30 -0.96 -4.29
CA LYS A 47 11.00 -0.14 -5.27
C LYS A 47 12.17 0.60 -4.62
N MET A 48 11.91 1.19 -3.46
CA MET A 48 12.94 1.93 -2.73
C MET A 48 14.25 1.15 -2.70
N SER A 49 14.19 -0.08 -2.19
CA SER A 49 15.38 -0.92 -2.10
C SER A 49 15.14 -2.26 -2.80
N GLY A 50 15.96 -2.54 -3.82
CA GLY A 50 15.83 -3.78 -4.55
C GLY A 50 17.11 -4.60 -4.55
N PRO A 51 17.33 -5.37 -3.48
CA PRO A 51 18.52 -6.21 -3.33
C PRO A 51 18.51 -7.38 -4.31
N SER A 52 17.38 -7.62 -4.94
CA SER A 52 17.25 -8.72 -5.90
C SER A 52 17.43 -8.22 -7.33
N SER A 53 16.69 -7.17 -7.68
CA SER A 53 16.77 -6.60 -9.02
C SER A 53 18.06 -5.80 -9.19
N GLY A 54 18.48 -5.64 -10.45
CA GLY A 54 19.70 -4.89 -10.72
C GLY A 54 19.48 -3.81 -11.76
N GLY A 1 -12.20 19.17 5.20
CA GLY A 1 -13.20 20.10 5.67
C GLY A 1 -14.62 19.67 5.32
N SER A 2 -14.89 19.57 4.03
CA SER A 2 -16.22 19.16 3.56
C SER A 2 -16.23 17.67 3.20
N SER A 3 -17.34 17.01 3.56
CA SER A 3 -17.47 15.57 3.28
C SER A 3 -17.58 15.32 1.78
N GLY A 4 -16.88 14.29 1.31
CA GLY A 4 -16.90 13.96 -0.10
C GLY A 4 -15.60 13.35 -0.58
N SER A 5 -15.12 12.34 0.15
CA SER A 5 -13.87 11.67 -0.21
C SER A 5 -13.88 10.22 0.27
N SER A 6 -13.24 9.35 -0.51
CA SER A 6 -13.18 7.93 -0.18
C SER A 6 -11.95 7.63 0.67
N GLY A 7 -10.79 8.11 0.22
CA GLY A 7 -9.56 7.89 0.94
C GLY A 7 -8.91 6.56 0.58
N VAL A 8 -8.10 6.03 1.49
CA VAL A 8 -7.42 4.76 1.26
C VAL A 8 -8.27 3.58 1.74
N ASN A 9 -8.38 2.56 0.90
CA ASN A 9 -9.16 1.37 1.24
C ASN A 9 -8.68 0.77 2.56
N ARG A 10 -9.50 0.93 3.61
CA ARG A 10 -9.15 0.39 4.92
C ARG A 10 -9.10 -1.13 4.89
N GLN A 11 -10.11 -1.76 4.29
CA GLN A 11 -10.16 -3.20 4.19
C GLN A 11 -8.84 -3.78 3.68
N MET A 12 -8.43 -3.33 2.49
CA MET A 12 -7.19 -3.79 1.88
C MET A 12 -6.03 -3.66 2.87
N LEU A 13 -5.94 -2.50 3.52
CA LEU A 13 -4.88 -2.26 4.48
C LEU A 13 -4.71 -3.44 5.43
N GLN A 14 -5.75 -3.74 6.19
CA GLN A 14 -5.70 -4.85 7.13
C GLN A 14 -5.20 -6.13 6.46
N GLU A 15 -5.29 -6.15 5.13
CA GLU A 15 -4.84 -7.31 4.36
C GLU A 15 -3.33 -7.25 4.12
N LEU A 16 -2.88 -6.16 3.52
CA LEU A 16 -1.46 -5.98 3.24
C LEU A 16 -0.64 -6.00 4.52
N VAL A 17 -1.19 -5.40 5.57
CA VAL A 17 -0.49 -5.35 6.86
C VAL A 17 -0.29 -6.74 7.42
N ASN A 18 -1.27 -7.62 7.20
CA ASN A 18 -1.19 -9.00 7.69
C ASN A 18 0.09 -9.67 7.23
N ALA A 19 0.49 -9.38 6.00
CA ALA A 19 1.72 -9.95 5.43
C ALA A 19 2.94 -9.57 6.27
N GLY A 20 3.00 -8.30 6.66
CA GLY A 20 4.13 -7.82 7.46
C GLY A 20 4.62 -6.46 7.01
N CYS A 21 3.69 -5.59 6.62
CA CYS A 21 4.04 -4.25 6.17
C CYS A 21 3.51 -3.20 7.13
N ASP A 22 4.42 -2.46 7.77
CA ASP A 22 4.04 -1.42 8.72
C ASP A 22 2.85 -0.62 8.19
N GLN A 23 1.89 -0.36 9.08
CA GLN A 23 0.70 0.39 8.71
C GLN A 23 1.06 1.80 8.27
N GLU A 24 1.68 2.56 9.18
CA GLU A 24 2.08 3.93 8.88
C GLU A 24 2.60 4.05 7.45
N MET A 25 3.49 3.15 7.07
CA MET A 25 4.07 3.15 5.74
C MET A 25 3.06 2.63 4.71
N ALA A 26 2.34 1.58 5.08
CA ALA A 26 1.35 0.99 4.19
C ALA A 26 0.37 2.04 3.70
N GLY A 27 -0.40 2.62 4.62
CA GLY A 27 -1.36 3.64 4.26
C GLY A 27 -0.89 4.51 3.11
N ARG A 28 0.34 4.99 3.21
CA ARG A 28 0.92 5.84 2.18
C ARG A 28 0.96 5.12 0.84
N ALA A 29 1.71 4.04 0.78
CA ALA A 29 1.84 3.25 -0.44
C ALA A 29 0.47 2.99 -1.06
N LEU A 30 -0.45 2.47 -0.26
CA LEU A 30 -1.79 2.18 -0.74
C LEU A 30 -2.33 3.31 -1.60
N LYS A 31 -2.25 4.54 -1.07
CA LYS A 31 -2.72 5.72 -1.79
C LYS A 31 -1.85 5.99 -3.02
N GLN A 32 -0.55 6.10 -2.80
CA GLN A 32 0.39 6.36 -3.89
C GLN A 32 0.03 5.53 -5.11
N THR A 33 0.09 4.21 -4.97
CA THR A 33 -0.22 3.31 -6.07
C THR A 33 -1.65 3.52 -6.57
N GLY A 34 -2.58 3.64 -5.64
CA GLY A 34 -3.97 3.84 -6.00
C GLY A 34 -4.84 2.62 -5.71
N SER A 35 -4.63 2.04 -4.53
CA SER A 35 -5.39 0.86 -4.13
C SER A 35 -5.68 -0.04 -5.34
N ARG A 36 -4.65 -0.26 -6.16
CA ARG A 36 -4.80 -1.10 -7.34
C ARG A 36 -4.81 -2.58 -6.98
N SER A 37 -3.83 -2.98 -6.16
CA SER A 37 -3.73 -4.37 -5.73
C SER A 37 -2.70 -4.51 -4.61
N ILE A 38 -3.09 -5.23 -3.56
CA ILE A 38 -2.21 -5.45 -2.41
C ILE A 38 -0.78 -5.70 -2.87
N GLU A 39 -0.63 -6.49 -3.93
CA GLU A 39 0.68 -6.81 -4.46
C GLU A 39 1.38 -5.56 -5.00
N ALA A 40 0.65 -4.78 -5.77
CA ALA A 40 1.20 -3.54 -6.34
C ALA A 40 1.86 -2.68 -5.27
N ALA A 41 1.10 -2.36 -4.22
CA ALA A 41 1.60 -1.55 -3.13
C ALA A 41 2.98 -2.01 -2.70
N LEU A 42 3.12 -3.31 -2.44
CA LEU A 42 4.40 -3.87 -2.01
C LEU A 42 5.50 -3.52 -3.00
N GLU A 43 5.28 -3.84 -4.28
CA GLU A 43 6.26 -3.55 -5.32
C GLU A 43 6.84 -2.15 -5.16
N TYR A 44 5.96 -1.18 -4.89
CA TYR A 44 6.39 0.19 -4.72
C TYR A 44 7.37 0.32 -3.56
N ILE A 45 7.00 -0.23 -2.41
CA ILE A 45 7.86 -0.19 -1.23
C ILE A 45 9.24 -0.76 -1.52
N SER A 46 9.26 -1.94 -2.11
CA SER A 46 10.52 -2.60 -2.44
C SER A 46 11.35 -1.75 -3.39
N LYS A 47 10.70 -1.24 -4.44
CA LYS A 47 11.38 -0.40 -5.42
C LYS A 47 12.39 0.53 -4.74
N MET A 48 11.95 1.18 -3.67
CA MET A 48 12.80 2.10 -2.92
C MET A 48 13.64 1.34 -1.89
N SER A 49 13.01 0.43 -1.17
CA SER A 49 13.70 -0.36 -0.15
C SER A 49 14.87 -1.12 -0.76
N GLY A 50 16.04 -0.49 -0.75
CA GLY A 50 17.23 -1.12 -1.30
C GLY A 50 17.75 -0.40 -2.52
N PRO A 51 17.34 -0.86 -3.71
CA PRO A 51 17.76 -0.26 -4.99
C PRO A 51 17.18 1.12 -5.19
N SER A 52 18.05 2.11 -5.41
CA SER A 52 17.62 3.48 -5.62
C SER A 52 18.23 4.06 -6.90
N SER A 53 17.47 4.93 -7.57
CA SER A 53 17.94 5.53 -8.80
C SER A 53 19.25 6.28 -8.59
N GLY A 54 19.23 7.29 -7.72
CA GLY A 54 20.42 8.05 -7.44
C GLY A 54 21.65 7.19 -7.31
N GLY A 1 -11.10 13.18 -11.30
CA GLY A 1 -10.62 12.39 -10.18
C GLY A 1 -9.50 13.07 -9.42
N SER A 2 -9.15 12.50 -8.27
CA SER A 2 -8.08 13.07 -7.44
C SER A 2 -8.13 14.59 -7.44
N SER A 3 -9.34 15.14 -7.34
CA SER A 3 -9.53 16.58 -7.32
C SER A 3 -9.79 17.10 -5.91
N GLY A 4 -10.65 16.38 -5.19
CA GLY A 4 -10.98 16.77 -3.83
C GLY A 4 -10.44 15.80 -2.79
N SER A 5 -11.28 15.44 -1.83
CA SER A 5 -10.88 14.51 -0.78
C SER A 5 -10.92 13.08 -1.28
N SER A 6 -10.13 12.21 -0.64
CA SER A 6 -10.08 10.80 -1.02
C SER A 6 -9.79 9.92 0.19
N GLY A 7 -10.09 8.63 0.06
CA GLY A 7 -9.85 7.71 1.15
C GLY A 7 -9.25 6.40 0.69
N VAL A 8 -8.25 5.92 1.41
CA VAL A 8 -7.58 4.67 1.07
C VAL A 8 -8.40 3.46 1.53
N ASN A 9 -8.48 2.45 0.67
CA ASN A 9 -9.24 1.24 0.99
C ASN A 9 -8.78 0.65 2.32
N ARG A 10 -9.40 1.09 3.41
CA ARG A 10 -9.06 0.61 4.73
C ARG A 10 -9.04 -0.91 4.78
N GLN A 11 -9.76 -1.54 3.84
CA GLN A 11 -9.82 -2.99 3.77
C GLN A 11 -8.53 -3.56 3.19
N MET A 12 -8.01 -2.90 2.15
CA MET A 12 -6.79 -3.33 1.50
C MET A 12 -5.61 -3.27 2.47
N LEU A 13 -5.74 -2.46 3.51
CA LEU A 13 -4.69 -2.31 4.51
C LEU A 13 -4.64 -3.51 5.44
N GLN A 14 -5.73 -3.73 6.18
CA GLN A 14 -5.81 -4.84 7.11
C GLN A 14 -5.24 -6.12 6.48
N GLU A 15 -5.22 -6.16 5.15
CA GLU A 15 -4.71 -7.32 4.44
C GLU A 15 -3.19 -7.25 4.32
N LEU A 16 -2.71 -6.27 3.56
CA LEU A 16 -1.28 -6.09 3.37
C LEU A 16 -0.53 -6.07 4.70
N VAL A 17 -1.14 -5.45 5.70
CA VAL A 17 -0.55 -5.36 7.04
C VAL A 17 -0.45 -6.73 7.68
N ASN A 18 -1.40 -7.60 7.35
CA ASN A 18 -1.43 -8.95 7.90
C ASN A 18 -0.17 -9.71 7.52
N ALA A 19 0.36 -9.43 6.34
CA ALA A 19 1.57 -10.09 5.86
C ALA A 19 2.77 -9.73 6.74
N GLY A 20 2.84 -8.47 7.15
CA GLY A 20 3.95 -8.02 7.98
C GLY A 20 4.53 -6.71 7.51
N CYS A 21 3.68 -5.83 6.99
CA CYS A 21 4.12 -4.53 6.50
C CYS A 21 3.60 -3.41 7.40
N ASP A 22 4.51 -2.57 7.86
CA ASP A 22 4.14 -1.44 8.72
C ASP A 22 2.78 -0.88 8.33
N GLN A 23 2.06 -0.35 9.31
CA GLN A 23 0.74 0.22 9.07
C GLN A 23 0.85 1.65 8.55
N GLU A 24 1.53 2.50 9.32
CA GLU A 24 1.72 3.89 8.94
C GLU A 24 2.17 4.00 7.49
N MET A 25 3.26 3.31 7.16
CA MET A 25 3.80 3.33 5.81
C MET A 25 2.82 2.71 4.82
N ALA A 26 2.42 1.47 5.09
CA ALA A 26 1.49 0.76 4.23
C ALA A 26 0.45 1.71 3.64
N GLY A 27 -0.25 2.43 4.51
CA GLY A 27 -1.27 3.36 4.06
C GLY A 27 -0.79 4.22 2.90
N ARG A 28 0.32 4.94 3.12
CA ARG A 28 0.87 5.80 2.09
C ARG A 28 0.95 5.07 0.74
N ALA A 29 1.69 3.97 0.73
CA ALA A 29 1.85 3.18 -0.49
C ALA A 29 0.49 2.88 -1.13
N LEU A 30 -0.44 2.40 -0.32
CA LEU A 30 -1.78 2.08 -0.81
C LEU A 30 -2.37 3.24 -1.59
N LYS A 31 -2.22 4.45 -1.05
CA LYS A 31 -2.73 5.65 -1.70
C LYS A 31 -1.92 5.99 -2.94
N GLN A 32 -0.62 6.17 -2.76
CA GLN A 32 0.27 6.49 -3.87
C GLN A 32 -0.07 5.66 -5.11
N THR A 33 0.00 4.34 -4.96
CA THR A 33 -0.30 3.44 -6.06
C THR A 33 -1.74 3.61 -6.53
N GLY A 34 -2.65 3.84 -5.59
CA GLY A 34 -4.05 4.00 -5.94
C GLY A 34 -4.88 2.79 -5.60
N SER A 35 -4.94 2.43 -4.32
CA SER A 35 -5.70 1.27 -3.88
C SER A 35 -5.65 0.16 -4.93
N ARG A 36 -4.48 -0.06 -5.49
CA ARG A 36 -4.29 -1.10 -6.50
C ARG A 36 -4.00 -2.45 -5.86
N SER A 37 -3.97 -3.50 -6.68
CA SER A 37 -3.70 -4.85 -6.19
C SER A 37 -2.70 -4.82 -5.05
N ILE A 38 -3.02 -5.52 -3.96
CA ILE A 38 -2.14 -5.58 -2.80
C ILE A 38 -0.68 -5.69 -3.22
N GLU A 39 -0.40 -6.60 -4.15
CA GLU A 39 0.95 -6.80 -4.64
C GLU A 39 1.56 -5.48 -5.12
N ALA A 40 0.80 -4.74 -5.90
CA ALA A 40 1.26 -3.46 -6.42
C ALA A 40 1.95 -2.64 -5.34
N ALA A 41 1.20 -2.29 -4.30
CA ALA A 41 1.75 -1.51 -3.20
C ALA A 41 3.09 -2.07 -2.74
N LEU A 42 3.09 -3.31 -2.31
CA LEU A 42 4.31 -3.97 -1.83
C LEU A 42 5.43 -3.81 -2.86
N GLU A 43 5.08 -3.94 -4.13
CA GLU A 43 6.07 -3.82 -5.21
C GLU A 43 6.60 -2.39 -5.29
N TYR A 44 5.71 -1.42 -5.13
CA TYR A 44 6.08 -0.01 -5.18
C TYR A 44 7.08 0.34 -4.09
N ILE A 45 6.77 -0.09 -2.86
CA ILE A 45 7.64 0.17 -1.73
C ILE A 45 9.06 -0.32 -1.99
N SER A 46 9.17 -1.48 -2.63
CA SER A 46 10.46 -2.07 -2.94
C SER A 46 11.25 -1.17 -3.90
N LYS A 47 10.59 -0.73 -4.96
CA LYS A 47 11.22 0.13 -5.95
C LYS A 47 11.65 1.45 -5.32
N MET A 48 10.70 2.13 -4.68
CA MET A 48 10.99 3.40 -4.04
C MET A 48 12.15 3.28 -3.05
N SER A 49 11.97 2.43 -2.04
CA SER A 49 13.00 2.21 -1.04
C SER A 49 14.39 2.15 -1.67
N GLY A 50 14.43 1.78 -2.94
CA GLY A 50 15.69 1.68 -3.66
C GLY A 50 15.97 0.29 -4.17
N PRO A 51 17.25 0.00 -4.45
CA PRO A 51 17.68 -1.31 -4.96
C PRO A 51 17.53 -2.41 -3.91
N SER A 52 17.64 -2.04 -2.64
CA SER A 52 17.53 -2.99 -1.55
C SER A 52 16.13 -3.59 -1.49
N SER A 53 16.06 -4.90 -1.22
CA SER A 53 14.79 -5.59 -1.14
C SER A 53 14.00 -5.14 0.09
N GLY A 54 12.79 -4.63 -0.15
CA GLY A 54 11.96 -4.17 0.93
C GLY A 54 12.66 -3.16 1.82
N GLY A 1 -18.93 4.99 -5.32
CA GLY A 1 -18.14 5.51 -4.20
C GLY A 1 -18.84 5.30 -2.87
N SER A 2 -18.85 6.34 -2.04
CA SER A 2 -19.47 6.27 -0.73
C SER A 2 -19.49 7.63 -0.06
N SER A 3 -20.17 7.72 1.07
CA SER A 3 -20.28 8.97 1.81
C SER A 3 -19.83 8.79 3.26
N GLY A 4 -18.54 9.05 3.52
CA GLY A 4 -18.02 8.91 4.86
C GLY A 4 -16.71 9.67 5.06
N SER A 5 -15.60 8.95 5.03
CA SER A 5 -14.29 9.57 5.21
C SER A 5 -13.41 9.35 3.98
N SER A 6 -12.47 10.27 3.76
CA SER A 6 -11.57 10.17 2.62
C SER A 6 -10.17 9.78 3.07
N GLY A 7 -9.58 8.79 2.39
CA GLY A 7 -8.25 8.34 2.74
C GLY A 7 -7.87 7.07 2.00
N VAL A 8 -7.14 6.19 2.69
CA VAL A 8 -6.70 4.93 2.11
C VAL A 8 -7.69 3.82 2.41
N ASN A 9 -7.78 2.85 1.50
CA ASN A 9 -8.68 1.72 1.67
C ASN A 9 -8.29 0.88 2.88
N ARG A 10 -9.22 0.69 3.80
CA ARG A 10 -8.96 -0.11 5.00
C ARG A 10 -8.90 -1.59 4.67
N GLN A 11 -9.77 -2.03 3.76
CA GLN A 11 -9.82 -3.43 3.36
C GLN A 11 -8.47 -3.88 2.80
N MET A 12 -7.84 -3.01 2.01
CA MET A 12 -6.55 -3.32 1.41
C MET A 12 -5.45 -3.31 2.46
N LEU A 13 -5.48 -2.30 3.33
CA LEU A 13 -4.48 -2.17 4.38
C LEU A 13 -4.56 -3.34 5.35
N GLN A 14 -5.72 -3.50 5.98
CA GLN A 14 -5.93 -4.59 6.94
C GLN A 14 -5.43 -5.91 6.37
N GLU A 15 -5.34 -5.99 5.04
CA GLU A 15 -4.88 -7.20 4.38
C GLU A 15 -3.35 -7.22 4.27
N LEU A 16 -2.81 -6.22 3.58
CA LEU A 16 -1.36 -6.12 3.40
C LEU A 16 -0.63 -6.17 4.74
N VAL A 17 -1.24 -5.56 5.76
CA VAL A 17 -0.65 -5.54 7.09
C VAL A 17 -0.57 -6.95 7.68
N ASN A 18 -1.54 -7.79 7.33
CA ASN A 18 -1.58 -9.16 7.82
C ASN A 18 -0.25 -9.86 7.55
N ALA A 19 0.28 -9.67 6.35
CA ALA A 19 1.55 -10.28 5.96
C ALA A 19 2.67 -9.87 6.90
N GLY A 20 2.69 -8.59 7.27
CA GLY A 20 3.71 -8.09 8.17
C GLY A 20 4.32 -6.79 7.69
N CYS A 21 3.47 -5.90 7.18
CA CYS A 21 3.93 -4.61 6.68
C CYS A 21 3.50 -3.48 7.60
N ASP A 22 4.41 -2.54 7.85
CA ASP A 22 4.12 -1.40 8.71
C ASP A 22 2.88 -0.67 8.25
N GLN A 23 1.93 -0.47 9.16
CA GLN A 23 0.68 0.23 8.84
C GLN A 23 0.97 1.66 8.41
N GLU A 24 1.84 2.34 9.16
CA GLU A 24 2.19 3.72 8.86
C GLU A 24 2.61 3.88 7.41
N MET A 25 3.78 3.32 7.08
CA MET A 25 4.30 3.39 5.72
C MET A 25 3.32 2.77 4.72
N ALA A 26 2.69 1.68 5.12
CA ALA A 26 1.74 0.99 4.27
C ALA A 26 0.80 1.99 3.59
N GLY A 27 -0.05 2.61 4.38
CA GLY A 27 -1.00 3.58 3.84
C GLY A 27 -0.37 4.44 2.75
N ARG A 28 0.71 5.12 3.09
CA ARG A 28 1.40 5.98 2.12
C ARG A 28 1.47 5.33 0.76
N ALA A 29 2.01 4.11 0.70
CA ALA A 29 2.14 3.38 -0.55
C ALA A 29 0.76 3.06 -1.13
N LEU A 30 -0.08 2.44 -0.31
CA LEU A 30 -1.43 2.08 -0.74
C LEU A 30 -2.07 3.20 -1.55
N LYS A 31 -1.98 4.42 -1.03
CA LYS A 31 -2.53 5.58 -1.70
C LYS A 31 -1.78 5.90 -2.99
N GLN A 32 -0.45 5.84 -2.92
CA GLN A 32 0.38 6.12 -4.08
C GLN A 32 -0.09 5.32 -5.30
N THR A 33 -0.27 4.02 -5.12
CA THR A 33 -0.72 3.16 -6.21
C THR A 33 -2.19 3.41 -6.54
N GLY A 34 -2.98 3.65 -5.50
CA GLY A 34 -4.40 3.92 -5.70
C GLY A 34 -5.27 2.70 -5.41
N SER A 35 -4.97 2.01 -4.32
CA SER A 35 -5.72 0.82 -3.93
C SER A 35 -5.97 -0.08 -5.14
N ARG A 36 -5.00 -0.12 -6.05
CA ARG A 36 -5.11 -0.93 -7.25
C ARG A 36 -5.05 -2.42 -6.91
N SER A 37 -3.90 -2.85 -6.38
CA SER A 37 -3.71 -4.25 -6.02
C SER A 37 -2.65 -4.38 -4.92
N ILE A 38 -3.04 -5.00 -3.81
CA ILE A 38 -2.13 -5.18 -2.68
C ILE A 38 -0.72 -5.54 -3.17
N GLU A 39 -0.65 -6.43 -4.15
CA GLU A 39 0.63 -6.85 -4.71
C GLU A 39 1.44 -5.64 -5.18
N ALA A 40 0.79 -4.73 -5.89
CA ALA A 40 1.44 -3.53 -6.40
C ALA A 40 1.69 -2.53 -5.28
N ALA A 41 1.01 -2.73 -4.14
CA ALA A 41 1.16 -1.85 -3.01
C ALA A 41 2.44 -2.15 -2.23
N LEU A 42 2.91 -3.38 -2.34
CA LEU A 42 4.13 -3.80 -1.66
C LEU A 42 5.36 -3.52 -2.52
N GLU A 43 5.34 -4.03 -3.75
CA GLU A 43 6.45 -3.83 -4.67
C GLU A 43 6.78 -2.34 -4.82
N TYR A 44 5.74 -1.53 -4.96
CA TYR A 44 5.92 -0.09 -5.11
C TYR A 44 6.87 0.46 -4.06
N ILE A 45 6.64 0.09 -2.80
CA ILE A 45 7.47 0.53 -1.69
C ILE A 45 8.94 0.25 -1.97
N SER A 46 9.25 -1.01 -2.29
CA SER A 46 10.62 -1.41 -2.57
C SER A 46 11.19 -0.62 -3.75
N LYS A 47 10.45 -0.58 -4.84
CA LYS A 47 10.88 0.15 -6.03
C LYS A 47 11.56 1.46 -5.66
N MET A 48 10.94 2.19 -4.74
CA MET A 48 11.50 3.46 -4.29
C MET A 48 12.96 3.30 -3.88
N SER A 49 13.22 2.35 -2.98
CA SER A 49 14.57 2.11 -2.51
C SER A 49 14.99 0.67 -2.76
N GLY A 50 16.07 0.50 -3.51
CA GLY A 50 16.55 -0.84 -3.83
C GLY A 50 17.76 -0.82 -4.74
N PRO A 51 18.32 -2.00 -5.02
CA PRO A 51 19.49 -2.14 -5.88
C PRO A 51 19.17 -1.84 -7.35
N SER A 52 17.89 -1.68 -7.64
CA SER A 52 17.45 -1.39 -9.00
C SER A 52 16.69 -0.07 -9.06
N SER A 53 17.06 0.77 -10.03
CA SER A 53 16.42 2.08 -10.19
C SER A 53 14.91 1.92 -10.32
N GLY A 54 14.49 0.96 -11.13
CA GLY A 54 13.07 0.72 -11.34
C GLY A 54 12.69 0.66 -12.80
N GLY A 1 -20.46 12.59 -8.46
CA GLY A 1 -20.91 11.41 -7.75
C GLY A 1 -20.65 11.48 -6.25
N SER A 2 -19.74 10.64 -5.77
CA SER A 2 -19.42 10.62 -4.35
C SER A 2 -18.58 11.83 -3.96
N SER A 3 -18.80 12.33 -2.74
CA SER A 3 -18.07 13.49 -2.25
C SER A 3 -16.98 13.07 -1.28
N GLY A 4 -15.75 12.98 -1.79
CA GLY A 4 -14.62 12.59 -0.96
C GLY A 4 -13.34 12.43 -1.76
N SER A 5 -13.32 11.47 -2.68
CA SER A 5 -12.15 11.23 -3.51
C SER A 5 -10.87 11.25 -2.66
N SER A 6 -10.96 10.68 -1.46
CA SER A 6 -9.83 10.63 -0.55
C SER A 6 -9.99 9.51 0.48
N GLY A 7 -8.89 9.11 1.09
CA GLY A 7 -8.93 8.06 2.09
C GLY A 7 -8.39 6.74 1.56
N VAL A 8 -7.31 6.26 2.17
CA VAL A 8 -6.69 5.00 1.77
C VAL A 8 -7.57 3.81 2.12
N ASN A 9 -7.60 2.82 1.24
CA ASN A 9 -8.40 1.62 1.47
C ASN A 9 -8.07 0.99 2.82
N ARG A 10 -9.02 1.06 3.75
CA ARG A 10 -8.83 0.50 5.08
C ARG A 10 -8.95 -1.02 5.05
N GLN A 11 -9.85 -1.52 4.20
CA GLN A 11 -10.07 -2.95 4.08
C GLN A 11 -8.83 -3.65 3.51
N MET A 12 -8.39 -3.19 2.34
CA MET A 12 -7.22 -3.76 1.69
C MET A 12 -5.99 -3.68 2.61
N LEU A 13 -5.82 -2.53 3.25
CA LEU A 13 -4.69 -2.33 4.15
C LEU A 13 -4.57 -3.49 5.14
N GLN A 14 -5.71 -3.98 5.61
CA GLN A 14 -5.73 -5.09 6.56
C GLN A 14 -5.13 -6.35 5.95
N GLU A 15 -5.21 -6.45 4.62
CA GLU A 15 -4.66 -7.60 3.92
C GLU A 15 -3.15 -7.46 3.72
N LEU A 16 -2.73 -6.31 3.22
CA LEU A 16 -1.32 -6.04 2.98
C LEU A 16 -0.55 -5.99 4.30
N VAL A 17 -1.19 -5.45 5.33
CA VAL A 17 -0.57 -5.34 6.65
C VAL A 17 -0.41 -6.71 7.30
N ASN A 18 -1.43 -7.56 7.16
CA ASN A 18 -1.41 -8.89 7.74
C ASN A 18 -0.09 -9.60 7.40
N ALA A 19 0.39 -9.40 6.18
CA ALA A 19 1.63 -10.02 5.73
C ALA A 19 2.78 -9.64 6.66
N GLY A 20 2.90 -8.35 6.96
CA GLY A 20 3.97 -7.90 7.83
C GLY A 20 4.48 -6.52 7.44
N CYS A 21 3.56 -5.62 7.12
CA CYS A 21 3.93 -4.26 6.72
C CYS A 21 3.51 -3.26 7.78
N ASP A 22 4.26 -2.16 7.88
CA ASP A 22 3.97 -1.13 8.86
C ASP A 22 2.71 -0.36 8.48
N GLN A 23 1.71 -0.38 9.35
CA GLN A 23 0.45 0.30 9.10
C GLN A 23 0.71 1.73 8.62
N GLU A 24 1.65 2.42 9.26
CA GLU A 24 1.99 3.79 8.89
C GLU A 24 2.38 3.88 7.43
N MET A 25 3.55 3.32 7.09
CA MET A 25 4.04 3.35 5.73
C MET A 25 3.00 2.79 4.76
N ALA A 26 2.57 1.56 5.00
CA ALA A 26 1.57 0.91 4.16
C ALA A 26 0.57 1.92 3.64
N GLY A 27 -0.21 2.51 4.55
CA GLY A 27 -1.21 3.49 4.15
C GLY A 27 -0.74 4.36 3.01
N ARG A 28 0.42 5.00 3.19
CA ARG A 28 0.97 5.87 2.15
C ARG A 28 1.07 5.15 0.82
N ALA A 29 1.91 4.12 0.78
CA ALA A 29 2.10 3.34 -0.44
C ALA A 29 0.77 3.06 -1.12
N LEU A 30 -0.20 2.56 -0.35
CA LEU A 30 -1.52 2.25 -0.89
C LEU A 30 -2.05 3.40 -1.75
N LYS A 31 -2.13 4.58 -1.15
CA LYS A 31 -2.61 5.76 -1.86
C LYS A 31 -1.72 6.08 -3.06
N GLN A 32 -0.43 6.15 -2.81
CA GLN A 32 0.54 6.46 -3.87
C GLN A 32 0.19 5.69 -5.14
N THR A 33 0.18 4.36 -5.06
CA THR A 33 -0.14 3.53 -6.21
C THR A 33 -1.57 3.74 -6.67
N GLY A 34 -2.51 3.65 -5.73
CA GLY A 34 -3.91 3.84 -6.06
C GLY A 34 -4.78 2.70 -5.58
N SER A 35 -4.73 2.42 -4.27
CA SER A 35 -5.51 1.34 -3.69
C SER A 35 -5.63 0.16 -4.67
N ARG A 36 -4.53 -0.15 -5.34
CA ARG A 36 -4.50 -1.24 -6.29
C ARG A 36 -4.22 -2.57 -5.60
N SER A 37 -4.27 -3.66 -6.36
CA SER A 37 -4.03 -4.99 -5.82
C SER A 37 -2.96 -4.94 -4.72
N ILE A 38 -3.25 -5.60 -3.60
CA ILE A 38 -2.33 -5.63 -2.47
C ILE A 38 -0.89 -5.79 -2.95
N GLU A 39 -0.68 -6.73 -3.88
CA GLU A 39 0.65 -6.97 -4.41
C GLU A 39 1.32 -5.67 -4.86
N ALA A 40 0.67 -4.97 -5.77
CA ALA A 40 1.19 -3.70 -6.28
C ALA A 40 1.71 -2.83 -5.15
N ALA A 41 0.89 -2.68 -4.11
CA ALA A 41 1.28 -1.86 -2.96
C ALA A 41 2.67 -2.23 -2.46
N LEU A 42 3.01 -3.51 -2.55
CA LEU A 42 4.32 -3.99 -2.12
C LEU A 42 5.40 -3.55 -3.09
N GLU A 43 5.40 -4.11 -4.28
CA GLU A 43 6.38 -3.78 -5.31
C GLU A 43 6.72 -2.29 -5.26
N TYR A 44 5.71 -1.47 -4.97
CA TYR A 44 5.90 -0.03 -4.91
C TYR A 44 6.96 0.34 -3.88
N ILE A 45 6.72 -0.05 -2.62
CA ILE A 45 7.66 0.24 -1.55
C ILE A 45 9.09 -0.06 -1.98
N SER A 46 9.33 -1.30 -2.41
CA SER A 46 10.65 -1.72 -2.84
C SER A 46 11.17 -0.83 -3.95
N LYS A 47 10.32 -0.58 -4.95
CA LYS A 47 10.69 0.26 -6.09
C LYS A 47 11.54 1.44 -5.63
N MET A 48 11.13 2.07 -4.52
CA MET A 48 11.85 3.22 -3.98
C MET A 48 13.01 2.76 -3.10
N SER A 49 12.73 1.82 -2.20
CA SER A 49 13.74 1.30 -1.30
C SER A 49 14.59 0.24 -1.98
N GLY A 50 15.86 0.54 -2.18
CA GLY A 50 16.76 -0.39 -2.83
C GLY A 50 18.05 0.25 -3.28
N PRO A 51 17.94 1.25 -4.17
CA PRO A 51 19.10 1.98 -4.70
C PRO A 51 19.78 2.84 -3.64
N SER A 52 19.20 2.87 -2.45
CA SER A 52 19.74 3.67 -1.36
C SER A 52 19.97 5.11 -1.80
N SER A 53 19.04 5.64 -2.59
CA SER A 53 19.13 7.01 -3.09
C SER A 53 19.51 7.97 -1.96
N GLY A 54 19.04 7.67 -0.75
CA GLY A 54 19.34 8.51 0.39
C GLY A 54 20.21 7.83 1.42
N GLY A 1 -21.66 0.95 -3.98
CA GLY A 1 -21.38 2.29 -4.45
C GLY A 1 -20.52 2.29 -5.71
N SER A 2 -19.46 3.10 -5.69
CA SER A 2 -18.56 3.19 -6.82
C SER A 2 -17.53 2.07 -6.80
N SER A 3 -17.47 1.30 -7.88
CA SER A 3 -16.53 0.19 -7.99
C SER A 3 -15.11 0.64 -7.65
N GLY A 4 -14.52 0.01 -6.64
CA GLY A 4 -13.17 0.36 -6.25
C GLY A 4 -12.97 1.87 -6.12
N SER A 5 -13.37 2.42 -4.99
CA SER A 5 -13.24 3.86 -4.76
C SER A 5 -11.77 4.26 -4.67
N SER A 6 -11.37 5.17 -5.54
CA SER A 6 -9.99 5.64 -5.57
C SER A 6 -9.42 5.74 -4.15
N GLY A 7 -10.16 6.42 -3.28
CA GLY A 7 -9.72 6.59 -1.90
C GLY A 7 -9.04 5.34 -1.36
N VAL A 8 -7.96 5.54 -0.62
CA VAL A 8 -7.22 4.43 -0.03
C VAL A 8 -8.14 3.47 0.70
N ASN A 9 -8.40 2.31 0.11
CA ASN A 9 -9.27 1.32 0.71
C ASN A 9 -8.82 0.98 2.12
N ARG A 10 -9.75 0.48 2.93
CA ARG A 10 -9.45 0.13 4.32
C ARG A 10 -9.05 -1.34 4.42
N GLN A 11 -9.94 -2.23 3.99
CA GLN A 11 -9.68 -3.66 4.04
C GLN A 11 -8.32 -3.99 3.43
N MET A 12 -8.10 -3.51 2.21
CA MET A 12 -6.84 -3.75 1.51
C MET A 12 -5.65 -3.54 2.44
N LEU A 13 -5.79 -2.57 3.35
CA LEU A 13 -4.72 -2.26 4.30
C LEU A 13 -4.50 -3.42 5.26
N GLN A 14 -5.56 -3.82 5.96
CA GLN A 14 -5.48 -4.92 6.91
C GLN A 14 -4.79 -6.13 6.29
N GLU A 15 -4.89 -6.26 4.96
CA GLU A 15 -4.28 -7.36 4.25
C GLU A 15 -2.79 -7.12 4.04
N LEU A 16 -2.48 -6.10 3.26
CA LEU A 16 -1.08 -5.75 2.97
C LEU A 16 -0.27 -5.68 4.25
N VAL A 17 -0.88 -5.16 5.31
CA VAL A 17 -0.21 -5.03 6.61
C VAL A 17 -0.03 -6.41 7.26
N ASN A 18 -1.01 -7.28 7.07
CA ASN A 18 -0.96 -8.61 7.65
C ASN A 18 0.18 -9.43 7.03
N ALA A 19 0.47 -9.15 5.76
CA ALA A 19 1.54 -9.86 5.06
C ALA A 19 2.90 -9.58 5.70
N GLY A 20 3.10 -8.34 6.13
CA GLY A 20 4.36 -7.98 6.75
C GLY A 20 4.85 -6.61 6.33
N CYS A 21 3.92 -5.68 6.17
CA CYS A 21 4.26 -4.33 5.75
C CYS A 21 3.82 -3.31 6.80
N ASP A 22 4.73 -2.42 7.17
CA ASP A 22 4.44 -1.39 8.17
C ASP A 22 3.02 -0.87 8.01
N GLN A 23 2.46 -0.34 9.09
CA GLN A 23 1.09 0.19 9.07
C GLN A 23 1.08 1.60 8.48
N GLU A 24 1.98 2.45 8.97
CA GLU A 24 2.06 3.83 8.49
C GLU A 24 2.46 3.87 7.01
N MET A 25 3.70 3.48 6.73
CA MET A 25 4.21 3.48 5.37
C MET A 25 3.16 2.92 4.40
N ALA A 26 2.49 1.84 4.82
CA ALA A 26 1.47 1.23 3.99
C ALA A 26 0.51 2.26 3.41
N GLY A 27 -0.27 2.90 4.29
CA GLY A 27 -1.22 3.90 3.85
C GLY A 27 -0.64 4.80 2.77
N ARG A 28 0.59 5.26 2.98
CA ARG A 28 1.25 6.14 2.01
C ARG A 28 1.33 5.48 0.64
N ALA A 29 1.66 4.19 0.63
CA ALA A 29 1.77 3.45 -0.62
C ALA A 29 0.41 3.25 -1.26
N LEU A 30 -0.52 2.67 -0.51
CA LEU A 30 -1.87 2.43 -1.01
C LEU A 30 -2.40 3.64 -1.75
N LYS A 31 -2.11 4.82 -1.22
CA LYS A 31 -2.56 6.07 -1.84
C LYS A 31 -1.75 6.37 -3.10
N GLN A 32 -0.46 6.61 -2.94
CA GLN A 32 0.43 6.91 -4.06
C GLN A 32 0.16 5.96 -5.22
N THR A 33 0.34 4.67 -4.98
CA THR A 33 0.13 3.65 -6.01
C THR A 33 -1.36 3.46 -6.27
N GLY A 34 -2.15 3.43 -5.21
CA GLY A 34 -3.59 3.25 -5.35
C GLY A 34 -4.04 1.88 -4.87
N SER A 35 -5.32 1.78 -4.52
CA SER A 35 -5.88 0.52 -4.04
C SER A 35 -6.24 -0.40 -5.21
N ARG A 36 -5.29 -0.59 -6.11
CA ARG A 36 -5.50 -1.45 -7.27
C ARG A 36 -5.43 -2.92 -6.88
N SER A 37 -4.40 -3.28 -6.14
CA SER A 37 -4.22 -4.66 -5.70
C SER A 37 -3.23 -4.74 -4.54
N ILE A 38 -3.62 -5.45 -3.49
CA ILE A 38 -2.77 -5.61 -2.32
C ILE A 38 -1.31 -5.84 -2.71
N GLU A 39 -1.12 -6.43 -3.88
CA GLU A 39 0.22 -6.71 -4.37
C GLU A 39 0.94 -5.42 -4.76
N ALA A 40 0.37 -4.69 -5.71
CA ALA A 40 0.95 -3.43 -6.16
C ALA A 40 1.61 -2.68 -5.00
N ALA A 41 0.81 -2.31 -4.01
CA ALA A 41 1.30 -1.59 -2.84
C ALA A 41 2.69 -2.09 -2.45
N LEU A 42 2.77 -3.36 -2.06
CA LEU A 42 4.04 -3.95 -1.66
C LEU A 42 5.19 -3.44 -2.53
N GLU A 43 5.08 -3.66 -3.83
CA GLU A 43 6.11 -3.21 -4.77
C GLU A 43 6.68 -1.86 -4.35
N TYR A 44 5.80 -0.93 -4.02
CA TYR A 44 6.22 0.40 -3.59
C TYR A 44 7.07 0.33 -2.33
N ILE A 45 6.65 -0.50 -1.38
CA ILE A 45 7.38 -0.67 -0.13
C ILE A 45 8.70 -1.40 -0.35
N SER A 46 8.61 -2.61 -0.90
CA SER A 46 9.80 -3.42 -1.15
C SER A 46 10.83 -2.62 -1.95
N LYS A 47 10.37 -1.94 -2.99
CA LYS A 47 11.25 -1.14 -3.84
C LYS A 47 12.30 -0.41 -2.99
N MET A 48 11.88 0.11 -1.85
CA MET A 48 12.78 0.82 -0.95
C MET A 48 13.50 -0.15 -0.02
N SER A 49 12.73 -0.96 0.70
CA SER A 49 13.30 -1.93 1.63
C SER A 49 13.23 -3.35 1.05
N GLY A 50 14.39 -3.87 0.67
CA GLY A 50 14.44 -5.21 0.11
C GLY A 50 15.82 -5.84 0.22
N PRO A 51 15.97 -7.03 -0.36
CA PRO A 51 17.25 -7.76 -0.34
C PRO A 51 18.32 -7.10 -1.19
N SER A 52 17.94 -6.02 -1.86
CA SER A 52 18.87 -5.29 -2.73
C SER A 52 20.28 -5.32 -2.14
N SER A 53 21.11 -6.21 -2.66
CA SER A 53 22.48 -6.34 -2.20
C SER A 53 23.47 -5.84 -3.24
N GLY A 54 24.75 -5.86 -2.91
CA GLY A 54 25.77 -5.41 -3.84
C GLY A 54 27.18 -5.53 -3.26
#